data_3PVC
#
_entry.id   3PVC
#
_cell.length_a   65.146
_cell.length_b   59.566
_cell.length_c   99.630
_cell.angle_alpha   90.00
_cell.angle_beta   99.57
_cell.angle_gamma   90.00
#
_symmetry.space_group_name_H-M   'P 1 21 1'
#
loop_
_entity.id
_entity.type
_entity.pdbx_description
1 polymer 'tRNA 5-methylaminomethyl-2-thiouridine biosynthesis bifunctional protein mnmC'
2 non-polymer 'FLAVIN-ADENINE DINUCLEOTIDE'
3 non-polymer 'CHLORIDE ION'
4 water water
#
_entity_poly.entity_id   1
_entity_poly.type   'polypeptide(L)'
_entity_poly.pdbx_seq_one_letter_code
;(MSE)NQRPIQTATLSWNEQGTPVSEQFGDIYFSNEDGLEETHHVFLKGNGFPARFASHPQQSCIFAETGFGTGLNFLTL
WRDFALFRQQSPNATLRRLHYISFEKYPLHVADLASAHARWPELASFAEQLRAQWPLPLAGCHRILLADGAITLDLWFGD
VNTLLPTLDDSLNNQVDAWFLDGFAPAKNPD(MSE)WNEQLFNA(MSE)AR(MSE)TRPGGTFSTFTAAGFVRRGLQQAG
FNVTKVKGFGQKRE(MSE)LTGTLPQQIHAPTAPWYHRPAATRCDDIAIIGGGIVSALTALALQRRGAVVTLYCADAQPA
QGASGNRQGALYPLLNGKNDALETFFTSAFTFARRQYDQLLEQGIAFDHQWCGVSQLAFDDKSRGKIEK(MSE)LHTQWP
VEFAEA(MSE)SREQLSELAGLDCAHDGIHYPAGGWLCPSDLTHAL(MSE)(MSE)LAQQNG(MSE)TCHYQHELQRLKR
IDSQWQLTFGQSQAAKHHATVILATGHRLPEWEQTHHLPLSAVRGQVSHIPTTPVLSQLQQVLCYDGYLTPVNPANQHHC
IGASYQRGDIATDFRLTEQQENRERLLRCLPQVSWPQQVDVSDNQARCGVRCAIRDHLP(MSE)VGAVPDYAATLAQYQD
LSRRIQHGGESEVNDIAVAPVWPELF(MSE)VGGLGSRGLCSAPLVAEILAAQ(MSE)FGEPLPLDAKTLAALNPNRFWI
RKLLKGRPVQTRSPATQESSR
;
_entity_poly.pdbx_strand_id   A
#
loop_
_chem_comp.id
_chem_comp.type
_chem_comp.name
_chem_comp.formula
CL non-polymer 'CHLORIDE ION' 'Cl -1'
FAD non-polymer 'FLAVIN-ADENINE DINUCLEOTIDE' 'C27 H33 N9 O15 P2'
#
# COMPACT_ATOMS: atom_id res chain seq x y z
N PHE A 29 17.34 -28.89 27.45
CA PHE A 29 17.20 -28.90 25.95
C PHE A 29 16.45 -30.12 25.42
N SER A 30 15.18 -29.89 25.06
CA SER A 30 14.33 -30.93 24.50
C SER A 30 14.13 -30.70 22.99
N ASN A 31 13.28 -31.52 22.38
CA ASN A 31 12.85 -31.37 20.99
C ASN A 31 11.34 -31.07 20.90
N GLU A 32 10.66 -31.15 22.05
CA GLU A 32 9.19 -31.20 22.13
C GLU A 32 8.43 -29.90 21.73
N ASP A 33 9.06 -28.74 21.92
CA ASP A 33 8.43 -27.47 21.49
C ASP A 33 8.55 -27.19 19.96
N GLY A 34 9.46 -27.90 19.27
CA GLY A 34 9.56 -27.82 17.80
C GLY A 34 10.38 -26.63 17.32
N LEU A 35 10.99 -25.91 18.25
CA LEU A 35 11.82 -24.78 17.91
C LEU A 35 13.17 -25.19 17.30
N GLU A 36 13.80 -26.21 17.87
CA GLU A 36 15.07 -26.68 17.35
C GLU A 36 14.91 -27.30 15.96
N GLU A 37 13.83 -28.06 15.79
CA GLU A 37 13.41 -28.59 14.50
C GLU A 37 13.37 -27.48 13.42
N THR A 38 12.48 -26.51 13.63
CA THR A 38 12.35 -25.36 12.75
C THR A 38 13.71 -24.81 12.39
N HIS A 39 14.54 -24.59 13.39
CA HIS A 39 15.84 -24.02 13.13
C HIS A 39 16.67 -24.94 12.23
N HIS A 40 16.57 -26.26 12.43
CA HIS A 40 17.36 -27.22 11.67
C HIS A 40 16.85 -27.36 10.26
N VAL A 41 15.55 -27.57 10.11
CA VAL A 41 14.97 -27.76 8.79
C VAL A 41 15.10 -26.50 7.93
N PHE A 42 14.67 -25.36 8.45
CA PHE A 42 14.46 -24.18 7.60
C PHE A 42 15.59 -23.17 7.61
N LEU A 43 16.15 -22.89 8.77
CA LEU A 43 17.24 -21.94 8.83
C LEU A 43 18.57 -22.56 8.38
N LYS A 44 18.95 -23.64 9.07
CA LYS A 44 20.22 -24.33 8.77
C LYS A 44 20.19 -24.96 7.36
N GLY A 45 19.02 -25.47 6.97
CA GLY A 45 18.83 -26.02 5.63
C GLY A 45 19.05 -25.03 4.50
N ASN A 46 18.78 -23.74 4.77
CA ASN A 46 19.13 -22.67 3.83
C ASN A 46 20.46 -21.95 4.12
N GLY A 47 21.31 -22.53 4.98
CA GLY A 47 22.63 -21.95 5.29
C GLY A 47 22.60 -20.84 6.32
N PHE A 48 21.52 -20.70 7.09
CA PHE A 48 21.51 -19.65 8.13
C PHE A 48 21.88 -20.21 9.51
N PRO A 49 22.49 -19.39 10.39
CA PRO A 49 22.69 -17.94 10.26
C PRO A 49 23.98 -17.50 9.58
N ALA A 50 24.88 -18.44 9.27
CA ALA A 50 26.12 -18.10 8.55
C ALA A 50 25.91 -17.17 7.34
N ARG A 51 24.83 -17.42 6.59
CA ARG A 51 24.55 -16.74 5.33
C ARG A 51 24.21 -15.26 5.54
N PHE A 52 23.73 -14.87 6.72
CA PHE A 52 23.44 -13.46 7.00
C PHE A 52 24.69 -12.67 6.78
N ALA A 53 25.80 -13.25 7.21
CA ALA A 53 27.07 -12.54 7.29
C ALA A 53 27.72 -12.37 5.94
N SER A 54 27.59 -13.39 5.08
CA SER A 54 28.15 -13.27 3.72
C SER A 54 27.20 -12.62 2.70
N HIS A 55 25.96 -12.36 3.10
CA HIS A 55 24.95 -11.93 2.14
C HIS A 55 25.32 -10.59 1.52
N PRO A 56 25.33 -10.53 0.18
CA PRO A 56 25.91 -9.37 -0.50
C PRO A 56 24.98 -8.16 -0.68
N GLN A 57 23.69 -8.29 -0.35
CA GLN A 57 22.79 -7.13 -0.47
C GLN A 57 22.26 -6.59 0.88
N GLN A 58 21.70 -5.39 0.82
CA GLN A 58 21.12 -4.79 2.01
C GLN A 58 19.88 -5.51 2.50
N SER A 59 19.17 -6.18 1.61
CA SER A 59 18.04 -6.98 2.06
C SER A 59 18.08 -8.43 1.57
N CYS A 60 17.41 -9.29 2.33
CA CYS A 60 17.33 -10.68 2.04
C CYS A 60 15.84 -11.05 2.01
N ILE A 61 15.46 -11.84 1.03
CA ILE A 61 14.06 -12.14 0.77
C ILE A 61 13.76 -13.60 1.03
N PHE A 62 12.85 -13.84 1.95
CA PHE A 62 12.43 -15.17 2.26
C PHE A 62 11.01 -15.36 1.77
N ALA A 63 10.66 -16.59 1.42
CA ALA A 63 9.26 -16.86 1.07
C ALA A 63 8.85 -18.18 1.68
N GLU A 64 7.59 -18.29 2.05
CA GLU A 64 7.15 -19.44 2.77
C GLU A 64 5.78 -19.85 2.26
N THR A 65 5.57 -21.13 2.05
CA THR A 65 4.22 -21.64 1.72
C THR A 65 3.55 -22.02 3.06
N GLY A 66 2.43 -21.42 3.39
CA GLY A 66 1.93 -21.57 4.76
C GLY A 66 2.42 -20.43 5.64
N PHE A 67 1.86 -20.29 6.82
CA PHE A 67 2.34 -19.35 7.81
C PHE A 67 2.01 -19.89 9.21
N GLY A 68 0.77 -20.37 9.36
CA GLY A 68 0.31 -21.04 10.55
C GLY A 68 0.27 -20.07 11.71
N THR A 69 1.10 -20.34 12.69
CA THR A 69 1.12 -19.49 13.87
C THR A 69 2.34 -18.54 13.80
N GLY A 70 3.15 -18.68 12.74
CA GLY A 70 4.26 -17.79 12.51
C GLY A 70 5.54 -18.36 13.03
N LEU A 71 5.52 -19.65 13.38
CA LEU A 71 6.71 -20.29 13.97
C LEU A 71 7.99 -20.09 13.16
N ASN A 72 7.87 -20.21 11.82
CA ASN A 72 9.07 -20.10 11.01
C ASN A 72 9.51 -18.67 10.89
N PHE A 73 8.54 -17.78 10.73
CA PHE A 73 8.84 -16.36 10.65
C PHE A 73 9.49 -15.80 11.95
N LEU A 74 8.88 -16.09 13.08
CA LEU A 74 9.40 -15.61 14.39
C LEU A 74 10.79 -16.16 14.68
N THR A 75 11.01 -17.44 14.36
CA THR A 75 12.32 -18.03 14.57
C THR A 75 13.35 -17.32 13.69
N LEU A 76 12.97 -17.02 12.46
CA LEU A 76 13.88 -16.36 11.55
C LEU A 76 14.17 -14.97 12.08
N TRP A 77 13.12 -14.24 12.48
CA TRP A 77 13.27 -12.90 13.02
C TRP A 77 14.27 -12.91 14.17
N ARG A 78 14.02 -13.81 15.12
CA ARG A 78 14.89 -13.87 16.29
C ARG A 78 16.36 -13.97 15.88
N ASP A 79 16.68 -14.90 14.97
CA ASP A 79 18.05 -15.07 14.46
C ASP A 79 18.59 -13.87 13.72
N PHE A 80 17.75 -13.23 12.93
CA PHE A 80 18.15 -12.05 12.21
C PHE A 80 18.39 -10.90 13.18
N ALA A 81 17.58 -10.81 14.23
CA ALA A 81 17.87 -9.81 15.28
C ALA A 81 19.21 -10.08 16.04
N LEU A 82 19.49 -11.32 16.40
CA LEU A 82 20.80 -11.62 17.04
C LEU A 82 21.94 -11.22 16.07
N PHE A 83 21.77 -11.49 14.79
CA PHE A 83 22.79 -11.18 13.83
C PHE A 83 23.01 -9.66 13.65
N ARG A 84 21.95 -8.89 13.73
CA ARG A 84 22.06 -7.43 13.64
C ARG A 84 22.70 -6.79 14.88
N GLN A 85 22.50 -7.44 16.03
CA GLN A 85 23.17 -7.00 17.25
C GLN A 85 24.66 -7.22 17.13
N GLN A 86 25.02 -8.39 16.63
CA GLN A 86 26.42 -8.77 16.52
C GLN A 86 27.20 -8.14 15.37
N SER A 87 26.54 -7.77 14.27
CA SER A 87 27.26 -7.21 13.14
C SER A 87 26.52 -6.01 12.61
N PRO A 88 26.52 -4.90 13.36
CA PRO A 88 25.75 -3.72 12.97
C PRO A 88 26.25 -3.09 11.67
N ASN A 89 27.46 -3.48 11.25
CA ASN A 89 28.10 -2.95 10.03
C ASN A 89 28.10 -3.88 8.81
N ALA A 90 27.51 -5.08 8.98
CA ALA A 90 27.37 -5.98 7.83
C ALA A 90 26.48 -5.37 6.76
N THR A 91 26.65 -5.83 5.53
CA THR A 91 25.82 -5.39 4.42
C THR A 91 24.31 -5.60 4.74
N LEU A 92 23.93 -6.82 5.09
CA LEU A 92 22.50 -7.12 5.28
C LEU A 92 21.85 -6.32 6.45
N ARG A 93 20.84 -5.50 6.15
CA ARG A 93 20.17 -4.65 7.16
C ARG A 93 18.66 -4.94 7.27
N ARG A 94 18.10 -5.58 6.24
CA ARG A 94 16.65 -5.69 6.13
C ARG A 94 16.22 -7.05 5.68
N LEU A 95 15.04 -7.41 6.11
CA LEU A 95 14.53 -8.69 5.77
C LEU A 95 13.15 -8.45 5.20
N HIS A 96 12.86 -9.15 4.10
CA HIS A 96 11.53 -9.19 3.53
C HIS A 96 11.06 -10.64 3.56
N TYR A 97 9.84 -10.85 3.99
CA TYR A 97 9.31 -12.21 4.16
C TYR A 97 7.97 -12.31 3.46
N ILE A 98 7.82 -13.28 2.58
CA ILE A 98 6.58 -13.38 1.80
C ILE A 98 5.95 -14.71 2.12
N SER A 99 4.71 -14.65 2.57
CA SER A 99 4.08 -15.86 2.97
C SER A 99 2.67 -16.03 2.36
N PHE A 100 2.35 -17.28 2.02
CA PHE A 100 1.06 -17.66 1.45
C PHE A 100 0.25 -18.51 2.39
N GLU A 101 -0.84 -17.97 2.90
CA GLU A 101 -1.66 -18.68 3.87
C GLU A 101 -3.11 -18.78 3.40
N LYS A 102 -3.60 -20.00 3.25
CA LYS A 102 -4.99 -20.26 2.81
C LYS A 102 -5.99 -20.19 3.96
N TYR A 103 -5.54 -20.63 5.15
CA TYR A 103 -6.35 -20.61 6.35
C TYR A 103 -5.75 -19.73 7.45
N PRO A 104 -5.89 -18.40 7.29
CA PRO A 104 -5.38 -17.48 8.28
C PRO A 104 -6.07 -17.65 9.63
N LEU A 105 -5.29 -17.90 10.67
CA LEU A 105 -5.82 -17.93 12.03
C LEU A 105 -6.24 -16.54 12.56
N HIS A 106 -7.03 -16.55 13.62
CA HIS A 106 -7.33 -15.34 14.39
C HIS A 106 -6.17 -14.99 15.35
N VAL A 107 -6.07 -13.75 15.77
CA VAL A 107 -4.97 -13.38 16.67
C VAL A 107 -5.00 -14.12 18.01
N ALA A 108 -6.18 -14.46 18.52
CA ALA A 108 -6.26 -15.26 19.74
C ALA A 108 -5.67 -16.66 19.55
N ASP A 109 -5.81 -17.26 18.36
CA ASP A 109 -5.24 -18.58 18.10
C ASP A 109 -3.73 -18.46 18.14
N LEU A 110 -3.22 -17.41 17.48
CA LEU A 110 -1.81 -17.08 17.46
C LEU A 110 -1.25 -16.97 18.89
N ALA A 111 -1.94 -16.20 19.75
CA ALA A 111 -1.49 -15.97 21.12
C ALA A 111 -1.46 -17.26 21.87
N SER A 112 -2.46 -18.08 21.61
CA SER A 112 -2.56 -19.31 22.35
C SER A 112 -1.40 -20.24 22.01
N ALA A 113 -1.04 -20.34 20.74
CA ALA A 113 0.02 -21.26 20.33
C ALA A 113 1.39 -20.70 20.70
N HIS A 114 1.51 -19.38 20.78
CA HIS A 114 2.81 -18.78 21.12
C HIS A 114 3.23 -19.01 22.57
N ALA A 115 2.29 -19.48 23.39
CA ALA A 115 2.65 -19.87 24.76
C ALA A 115 3.73 -20.97 24.74
N ARG A 116 3.77 -21.79 23.68
CA ARG A 116 4.78 -22.85 23.60
C ARG A 116 6.17 -22.29 23.44
N TRP A 117 6.28 -21.06 22.93
CA TRP A 117 7.62 -20.57 22.63
C TRP A 117 7.94 -19.24 23.31
N PRO A 118 8.06 -19.25 24.65
CA PRO A 118 8.32 -18.03 25.40
C PRO A 118 9.60 -17.32 24.95
N GLU A 119 10.59 -18.06 24.45
CA GLU A 119 11.76 -17.32 23.99
C GLU A 119 11.54 -16.46 22.74
N LEU A 120 10.41 -16.65 22.06
CA LEU A 120 10.06 -15.84 20.91
C LEU A 120 9.08 -14.72 21.30
N ALA A 121 8.74 -14.68 22.59
CA ALA A 121 7.67 -13.85 23.11
C ALA A 121 7.61 -12.42 22.58
N SER A 122 8.75 -11.74 22.61
CA SER A 122 8.75 -10.32 22.24
C SER A 122 8.60 -10.09 20.75
N PHE A 123 9.01 -11.06 19.92
CA PHE A 123 8.80 -10.93 18.50
C PHE A 123 7.35 -11.22 18.23
N ALA A 124 6.85 -12.26 18.89
CA ALA A 124 5.46 -12.72 18.77
C ALA A 124 4.45 -11.62 19.09
N GLU A 125 4.73 -10.85 20.14
CA GLU A 125 3.87 -9.76 20.58
C GLU A 125 3.78 -8.66 19.52
N GLN A 126 4.89 -8.42 18.85
CA GLN A 126 4.94 -7.33 17.88
C GLN A 126 4.15 -7.76 16.65
N LEU A 127 4.27 -9.04 16.31
CA LEU A 127 3.48 -9.66 15.26
C LEU A 127 1.98 -9.61 15.54
N ARG A 128 1.58 -10.13 16.69
CA ARG A 128 0.17 -10.16 17.04
C ARG A 128 -0.35 -8.73 17.08
N ALA A 129 0.49 -7.76 17.43
CA ALA A 129 0.01 -6.37 17.54
C ALA A 129 -0.51 -5.88 16.18
N GLN A 130 -0.08 -6.50 15.10
CA GLN A 130 -0.41 -5.97 13.78
C GLN A 130 -1.08 -6.98 12.85
N TRP A 131 -1.59 -8.07 13.43
CA TRP A 131 -2.12 -9.17 12.68
C TRP A 131 -3.38 -8.70 11.99
N PRO A 132 -3.52 -8.98 10.71
CA PRO A 132 -4.66 -8.33 10.06
C PRO A 132 -5.92 -9.24 10.03
N LEU A 133 -7.06 -8.66 9.70
CA LEU A 133 -8.33 -9.39 9.43
C LEU A 133 -8.15 -10.43 8.33
N PRO A 134 -9.01 -11.47 8.30
CA PRO A 134 -8.90 -12.52 7.27
C PRO A 134 -9.46 -12.10 5.88
N LEU A 135 -8.90 -11.06 5.28
CA LEU A 135 -9.38 -10.59 3.98
C LEU A 135 -8.51 -11.19 2.89
N ALA A 136 -9.12 -11.70 1.85
CA ALA A 136 -8.38 -12.22 0.72
C ALA A 136 -7.41 -11.13 0.24
N GLY A 137 -6.27 -11.51 -0.32
CA GLY A 137 -5.34 -10.53 -0.84
C GLY A 137 -4.04 -10.41 -0.06
N CYS A 138 -3.21 -9.45 -0.46
CA CYS A 138 -1.89 -9.25 0.16
C CYS A 138 -1.94 -8.18 1.23
N HIS A 139 -1.30 -8.44 2.36
CA HIS A 139 -1.29 -7.49 3.47
C HIS A 139 0.16 -7.24 3.88
N ARG A 140 0.66 -6.03 3.64
CA ARG A 140 2.04 -5.78 3.98
C ARG A 140 2.13 -5.19 5.41
N ILE A 141 2.90 -5.86 6.27
CA ILE A 141 3.10 -5.43 7.66
C ILE A 141 4.55 -5.05 7.87
N LEU A 142 4.78 -3.83 8.37
CA LEU A 142 6.12 -3.32 8.62
C LEU A 142 6.42 -3.55 10.09
N LEU A 143 7.51 -4.26 10.34
CA LEU A 143 7.82 -4.68 11.69
C LEU A 143 9.24 -4.25 12.04
N ALA A 144 9.55 -4.25 13.34
CA ALA A 144 10.89 -3.99 13.86
C ALA A 144 11.42 -2.67 13.34
N ASP A 145 10.64 -1.61 13.53
CA ASP A 145 11.09 -0.29 13.12
C ASP A 145 11.63 -0.32 11.68
N GLY A 146 10.86 -0.91 10.77
CA GLY A 146 11.17 -0.89 9.34
C GLY A 146 12.22 -1.87 8.83
N ALA A 147 12.83 -2.63 9.70
CA ALA A 147 13.86 -3.57 9.24
C ALA A 147 13.24 -4.85 8.65
N ILE A 148 11.96 -5.04 8.94
CA ILE A 148 11.25 -6.22 8.45
C ILE A 148 9.94 -5.88 7.81
N THR A 149 9.79 -6.38 6.59
CA THR A 149 8.58 -6.30 5.80
C THR A 149 7.95 -7.71 5.69
N LEU A 150 6.71 -7.86 6.12
CA LEU A 150 6.06 -9.15 6.08
C LEU A 150 4.91 -9.01 5.12
N ASP A 151 4.96 -9.75 3.99
CA ASP A 151 3.85 -9.75 3.02
C ASP A 151 3.01 -10.99 3.25
N LEU A 152 1.85 -10.81 3.82
CA LEU A 152 0.97 -11.96 4.10
C LEU A 152 -0.06 -12.09 3.00
N TRP A 153 0.03 -13.13 2.19
CA TRP A 153 -0.94 -13.38 1.13
C TRP A 153 -2.02 -14.35 1.58
N PHE A 154 -3.21 -13.85 1.91
CA PHE A 154 -4.31 -14.70 2.31
C PHE A 154 -5.04 -15.17 1.04
N GLY A 155 -5.05 -16.47 0.81
CA GLY A 155 -5.74 -17.10 -0.33
C GLY A 155 -5.14 -18.44 -0.71
N ASP A 156 -5.76 -19.15 -1.64
CA ASP A 156 -5.27 -20.46 -2.06
C ASP A 156 -4.03 -20.31 -2.91
N VAL A 157 -2.91 -20.88 -2.46
CA VAL A 157 -1.66 -20.78 -3.22
C VAL A 157 -1.85 -21.03 -4.72
N ASN A 158 -2.56 -22.10 -5.07
CA ASN A 158 -2.72 -22.49 -6.46
C ASN A 158 -3.47 -21.50 -7.32
N THR A 159 -4.49 -20.86 -6.78
CA THR A 159 -5.17 -19.90 -7.60
C THR A 159 -4.46 -18.54 -7.57
N LEU A 160 -3.52 -18.37 -6.63
CA LEU A 160 -2.83 -17.11 -6.39
C LEU A 160 -1.60 -16.89 -7.28
N LEU A 161 -0.75 -17.92 -7.35
CA LEU A 161 0.51 -17.81 -8.05
C LEU A 161 0.47 -17.29 -9.51
N PRO A 162 -0.50 -17.74 -10.30
CA PRO A 162 -0.49 -17.20 -11.67
C PRO A 162 -0.89 -15.73 -11.74
N THR A 163 -1.37 -15.18 -10.62
CA THR A 163 -1.79 -13.78 -10.58
C THR A 163 -0.65 -12.85 -10.13
N LEU A 164 0.49 -13.40 -9.72
CA LEU A 164 1.50 -12.58 -9.09
C LEU A 164 2.28 -11.76 -10.09
N ASP A 165 2.99 -10.74 -9.58
CA ASP A 165 3.66 -9.72 -10.38
C ASP A 165 5.09 -10.07 -10.76
N ASP A 166 5.54 -9.52 -11.89
CA ASP A 166 6.88 -9.72 -12.40
C ASP A 166 7.93 -9.27 -11.38
N SER A 167 7.57 -8.33 -10.51
CA SER A 167 8.51 -7.90 -9.49
C SER A 167 8.86 -9.00 -8.46
N LEU A 168 8.10 -10.10 -8.43
CA LEU A 168 8.45 -11.26 -7.57
C LEU A 168 9.47 -12.20 -8.22
N ASN A 169 9.65 -12.06 -9.55
CA ASN A 169 10.55 -12.94 -10.31
C ASN A 169 11.97 -12.75 -9.88
N ASN A 170 12.74 -13.83 -9.82
CA ASN A 170 14.18 -13.75 -9.57
C ASN A 170 14.50 -12.97 -8.31
N GLN A 171 13.68 -13.10 -7.29
CA GLN A 171 13.85 -12.19 -6.18
C GLN A 171 14.24 -12.90 -4.90
N VAL A 172 13.79 -14.15 -4.76
CA VAL A 172 13.77 -14.84 -3.49
C VAL A 172 15.10 -15.52 -3.22
N ASP A 173 15.60 -15.28 -2.01
CA ASP A 173 16.87 -15.80 -1.60
C ASP A 173 16.75 -17.16 -0.93
N ALA A 174 15.64 -17.40 -0.24
CA ALA A 174 15.46 -18.67 0.43
C ALA A 174 14.00 -18.95 0.68
N TRP A 175 13.59 -20.18 0.38
CA TRP A 175 12.23 -20.66 0.47
C TRP A 175 12.07 -21.57 1.64
N PHE A 176 10.99 -21.41 2.39
CA PHE A 176 10.62 -22.35 3.42
C PHE A 176 9.40 -23.09 2.84
N LEU A 177 9.65 -24.27 2.29
CA LEU A 177 8.59 -25.10 1.72
C LEU A 177 7.93 -25.90 2.81
N ASP A 178 6.94 -25.31 3.46
CA ASP A 178 6.28 -25.97 4.59
C ASP A 178 4.82 -26.26 4.26
N GLY A 179 4.15 -26.98 5.14
CA GLY A 179 2.71 -27.26 5.02
C GLY A 179 2.44 -28.68 5.49
N PHE A 180 1.24 -29.19 5.28
CA PHE A 180 0.94 -30.58 5.64
C PHE A 180 1.87 -31.57 4.92
N ALA A 181 2.02 -32.76 5.48
CA ALA A 181 2.81 -33.81 4.82
C ALA A 181 2.15 -34.27 3.50
N PRO A 182 2.95 -34.50 2.46
CA PRO A 182 2.40 -34.92 1.17
C PRO A 182 1.80 -36.35 1.24
N ASN A 185 -2.09 -35.53 2.98
CA ASN A 185 -2.64 -34.51 2.09
C ASN A 185 -1.71 -34.09 0.92
N PRO A 186 -2.27 -33.96 -0.32
CA PRO A 186 -1.45 -33.64 -1.49
C PRO A 186 -1.81 -32.32 -2.21
N ASP A 187 -2.93 -31.70 -1.85
CA ASP A 187 -3.39 -30.52 -2.60
C ASP A 187 -2.26 -29.54 -3.00
N MSE A 188 -1.34 -29.27 -2.07
CA MSE A 188 -0.39 -28.17 -2.25
C MSE A 188 0.84 -28.48 -3.11
O MSE A 188 1.43 -27.60 -3.74
CB MSE A 188 0.06 -27.67 -0.86
CG MSE A 188 0.71 -26.27 -0.87
SE MSE A 188 1.83 -25.95 0.71
CE MSE A 188 3.33 -27.18 0.32
N TRP A 189 1.22 -29.75 -3.17
CA TRP A 189 2.50 -30.11 -3.72
C TRP A 189 2.40 -30.47 -5.20
N ASN A 190 2.09 -29.49 -6.03
CA ASN A 190 2.01 -29.73 -7.44
C ASN A 190 3.13 -29.02 -8.17
N GLU A 191 3.24 -29.29 -9.47
CA GLU A 191 4.26 -28.70 -10.33
C GLU A 191 4.10 -27.20 -10.47
N GLN A 192 2.85 -26.75 -10.38
CA GLN A 192 2.55 -25.35 -10.49
C GLN A 192 3.21 -24.56 -9.36
N LEU A 193 3.16 -25.11 -8.15
CA LEU A 193 3.89 -24.50 -7.03
C LEU A 193 5.39 -24.48 -7.27
N PHE A 194 5.96 -25.63 -7.69
CA PHE A 194 7.43 -25.73 -7.86
C PHE A 194 7.94 -24.79 -8.94
N ASN A 195 7.21 -24.75 -10.06
CA ASN A 195 7.52 -23.82 -11.15
C ASN A 195 7.44 -22.35 -10.76
N ALA A 196 6.38 -21.96 -10.05
CA ALA A 196 6.34 -20.59 -9.51
C ALA A 196 7.51 -20.32 -8.60
N MSE A 197 7.83 -21.27 -7.73
CA MSE A 197 8.94 -21.07 -6.79
C MSE A 197 10.26 -20.75 -7.48
O MSE A 197 11.00 -19.84 -7.06
CB MSE A 197 9.11 -22.27 -5.86
CG MSE A 197 8.01 -22.44 -4.84
SE MSE A 197 8.30 -24.10 -3.78
CE MSE A 197 10.22 -23.90 -3.37
N ALA A 198 10.57 -21.50 -8.53
CA ALA A 198 11.85 -21.31 -9.25
C ALA A 198 11.86 -19.99 -10.00
N ARG A 199 10.72 -19.65 -10.61
CA ARG A 199 10.49 -18.37 -11.29
C ARG A 199 10.80 -17.23 -10.32
N MSE A 200 10.40 -17.40 -9.05
CA MSE A 200 10.59 -16.36 -8.05
C MSE A 200 11.93 -16.39 -7.34
O MSE A 200 12.24 -15.48 -6.57
CB MSE A 200 9.51 -16.44 -7.02
CG MSE A 200 8.20 -15.96 -7.56
SE MSE A 200 6.72 -16.54 -6.47
CE MSE A 200 7.08 -15.46 -4.87
N THR A 201 12.74 -17.42 -7.60
CA THR A 201 14.02 -17.53 -6.90
C THR A 201 15.14 -16.78 -7.61
N ARG A 202 15.97 -16.08 -6.85
CA ARG A 202 17.19 -15.44 -7.35
C ARG A 202 18.19 -16.53 -7.68
N PRO A 203 19.05 -16.32 -8.69
CA PRO A 203 20.03 -17.39 -8.94
C PRO A 203 21.01 -17.56 -7.78
N GLY A 204 21.19 -18.80 -7.32
CA GLY A 204 21.96 -19.08 -6.09
C GLY A 204 21.02 -19.18 -4.88
N GLY A 205 19.75 -18.81 -5.08
CA GLY A 205 18.77 -18.85 -4.02
C GLY A 205 18.48 -20.29 -3.75
N THR A 206 17.85 -20.58 -2.62
CA THR A 206 17.73 -21.95 -2.13
C THR A 206 16.33 -22.23 -1.59
N PHE A 207 16.09 -23.46 -1.21
CA PHE A 207 14.87 -23.88 -0.54
C PHE A 207 15.21 -25.00 0.45
N SER A 208 14.36 -25.21 1.44
CA SER A 208 14.42 -26.48 2.18
C SER A 208 13.02 -26.85 2.55
N THR A 209 12.81 -28.13 2.70
CA THR A 209 11.52 -28.69 3.06
C THR A 209 11.74 -29.84 4.03
N PHE A 210 10.70 -30.22 4.76
CA PHE A 210 10.76 -31.31 5.72
C PHE A 210 10.49 -32.68 5.08
N THR A 211 9.86 -32.72 3.91
CA THR A 211 9.55 -34.01 3.26
C THR A 211 10.65 -34.43 2.29
N ALA A 212 10.68 -35.73 1.97
CA ALA A 212 11.56 -36.22 0.91
C ALA A 212 10.79 -37.10 -0.11
N ALA A 213 9.46 -36.97 -0.10
CA ALA A 213 8.66 -37.66 -1.10
C ALA A 213 9.28 -37.52 -2.49
N GLY A 214 9.31 -38.63 -3.23
CA GLY A 214 9.96 -38.67 -4.54
C GLY A 214 9.33 -37.67 -5.49
N PHE A 215 8.01 -37.55 -5.46
CA PHE A 215 7.35 -36.69 -6.45
C PHE A 215 7.63 -35.21 -6.23
N VAL A 216 8.01 -34.89 -4.99
CA VAL A 216 8.35 -33.53 -4.64
C VAL A 216 9.76 -33.28 -5.10
N ARG A 217 10.62 -34.25 -4.87
CA ARG A 217 11.99 -34.11 -5.34
C ARG A 217 12.01 -33.89 -6.88
N ARG A 218 11.32 -34.77 -7.61
CA ARG A 218 11.22 -34.69 -9.08
C ARG A 218 10.55 -33.38 -9.46
N GLY A 219 9.54 -32.98 -8.70
CA GLY A 219 8.86 -31.71 -8.99
C GLY A 219 9.78 -30.49 -8.92
N LEU A 220 10.68 -30.49 -7.92
CA LEU A 220 11.61 -29.37 -7.72
C LEU A 220 12.78 -29.40 -8.70
N GLN A 221 13.20 -30.60 -9.09
CA GLN A 221 14.20 -30.69 -10.15
C GLN A 221 13.64 -30.18 -11.48
N GLN A 222 12.46 -30.65 -11.87
CA GLN A 222 11.94 -30.20 -13.15
C GLN A 222 11.65 -28.70 -13.15
N ALA A 223 11.46 -28.12 -11.96
CA ALA A 223 11.20 -26.71 -11.83
C ALA A 223 12.47 -25.97 -12.12
N GLY A 224 13.60 -26.65 -12.00
CA GLY A 224 14.88 -26.05 -12.27
C GLY A 224 15.86 -26.04 -11.09
N PHE A 225 15.53 -26.65 -9.97
CA PHE A 225 16.48 -26.62 -8.86
C PHE A 225 17.44 -27.81 -8.97
N ASN A 226 18.65 -27.65 -8.45
CA ASN A 226 19.47 -28.77 -7.99
C ASN A 226 18.96 -29.23 -6.63
N VAL A 227 18.81 -30.55 -6.45
CA VAL A 227 18.20 -31.06 -5.23
C VAL A 227 19.10 -32.05 -4.46
N THR A 228 19.19 -31.87 -3.14
CA THR A 228 19.98 -32.75 -2.25
C THR A 228 19.12 -33.31 -1.14
N LYS A 229 19.19 -34.62 -0.96
CA LYS A 229 18.47 -35.30 0.11
C LYS A 229 19.39 -35.44 1.34
N VAL A 230 18.83 -35.13 2.52
CA VAL A 230 19.61 -35.12 3.75
C VAL A 230 18.75 -35.62 4.89
N LYS A 231 19.42 -35.96 5.98
CA LYS A 231 18.77 -36.51 7.18
C LYS A 231 17.81 -35.50 7.81
N GLY A 232 16.63 -35.98 8.20
CA GLY A 232 15.63 -35.14 8.83
C GLY A 232 16.03 -34.77 10.24
N PHE A 233 15.17 -34.02 10.93
CA PHE A 233 15.48 -33.69 12.29
C PHE A 233 15.26 -34.88 13.19
N GLY A 234 16.30 -35.25 13.94
CA GLY A 234 16.26 -36.35 14.90
C GLY A 234 15.79 -37.65 14.31
N GLN A 235 14.67 -38.14 14.86
CA GLN A 235 14.01 -39.37 14.46
C GLN A 235 13.69 -39.46 12.95
N LYS A 236 12.44 -39.21 12.64
CA LYS A 236 11.89 -39.63 11.36
C LYS A 236 12.35 -38.76 10.19
N ARG A 237 11.80 -39.11 9.04
CA ARG A 237 12.00 -38.40 7.78
C ARG A 237 13.47 -38.36 7.28
N GLU A 238 13.54 -38.25 5.96
CA GLU A 238 14.65 -37.65 5.28
C GLU A 238 14.03 -36.35 4.86
N MSE A 239 14.84 -35.42 4.37
CA MSE A 239 14.30 -34.12 3.94
C MSE A 239 15.09 -33.62 2.72
O MSE A 239 16.06 -34.26 2.31
CB MSE A 239 14.34 -33.11 5.09
CG MSE A 239 15.73 -32.88 5.64
SE MSE A 239 15.84 -31.27 6.79
CE MSE A 239 16.41 -29.95 5.44
N LEU A 240 14.66 -32.50 2.16
CA LEU A 240 15.22 -31.98 0.91
C LEU A 240 15.67 -30.53 1.04
N THR A 241 16.83 -30.23 0.44
CA THR A 241 17.29 -28.87 0.25
C THR A 241 17.71 -28.72 -1.23
N GLY A 242 17.90 -27.49 -1.69
CA GLY A 242 18.29 -27.24 -3.07
C GLY A 242 18.59 -25.78 -3.38
N THR A 243 19.07 -25.55 -4.61
CA THR A 243 19.63 -24.26 -5.02
C THR A 243 19.28 -24.04 -6.48
N LEU A 244 18.87 -22.82 -6.82
CA LEU A 244 18.57 -22.52 -8.20
C LEU A 244 19.86 -22.11 -8.90
N PRO A 245 20.38 -22.96 -9.82
CA PRO A 245 21.67 -22.64 -10.44
C PRO A 245 21.57 -21.51 -11.45
N GLN A 246 20.43 -21.37 -12.12
CA GLN A 246 20.29 -20.35 -13.20
C GLN A 246 18.94 -19.67 -13.17
N GLN A 247 18.95 -18.38 -13.45
CA GLN A 247 17.74 -17.58 -13.58
C GLN A 247 16.82 -18.19 -14.58
N ILE A 248 15.57 -18.41 -14.18
CA ILE A 248 14.47 -18.75 -15.11
C ILE A 248 13.93 -17.46 -15.75
N HIS A 249 14.18 -17.29 -17.05
CA HIS A 249 13.56 -16.23 -17.84
C HIS A 249 12.12 -16.63 -18.14
N ALA A 250 11.19 -15.97 -17.46
CA ALA A 250 9.80 -16.40 -17.45
C ALA A 250 8.90 -15.37 -18.13
N PRO A 251 7.79 -15.86 -18.76
CA PRO A 251 6.81 -14.97 -19.41
C PRO A 251 6.46 -13.77 -18.52
N THR A 252 6.80 -12.60 -19.03
CA THR A 252 6.71 -11.39 -18.26
C THR A 252 5.43 -10.64 -18.72
N ALA A 253 5.30 -9.39 -18.29
CA ALA A 253 4.42 -8.41 -18.92
C ALA A 253 5.22 -7.12 -19.08
N PRO A 254 6.19 -7.10 -20.03
CA PRO A 254 7.08 -5.96 -20.23
C PRO A 254 6.35 -4.64 -20.44
N TRP A 255 5.14 -4.68 -21.00
CA TRP A 255 4.39 -3.46 -21.24
C TRP A 255 4.02 -2.73 -19.93
N TYR A 256 3.98 -3.47 -18.82
CA TYR A 256 3.69 -2.89 -17.52
C TYR A 256 4.90 -2.99 -16.61
N HIS A 257 6.09 -2.94 -17.21
CA HIS A 257 7.31 -3.03 -16.43
C HIS A 257 7.39 -1.92 -15.36
N ARG A 258 7.83 -2.30 -14.17
CA ARG A 258 8.05 -1.32 -13.10
C ARG A 258 9.55 -1.17 -12.77
N PRO A 259 10.26 -0.27 -13.48
CA PRO A 259 11.69 -0.24 -13.24
C PRO A 259 12.10 0.46 -11.93
N ALA A 260 13.24 0.01 -11.38
CA ALA A 260 13.94 0.63 -10.27
C ALA A 260 14.58 1.95 -10.66
N ALA A 261 14.97 2.75 -9.67
CA ALA A 261 15.89 3.86 -9.88
C ALA A 261 17.31 3.29 -9.92
N THR A 262 18.21 3.87 -10.72
CA THR A 262 19.60 3.41 -10.68
C THR A 262 20.35 3.90 -9.43
N ARG A 263 19.98 5.08 -8.93
CA ARG A 263 20.53 5.67 -7.70
C ARG A 263 19.42 6.08 -6.72
N CYS A 264 19.51 5.64 -5.47
CA CYS A 264 18.62 6.18 -4.45
C CYS A 264 19.35 7.06 -3.42
N ASP A 265 20.59 7.42 -3.72
CA ASP A 265 21.36 8.26 -2.81
C ASP A 265 21.19 9.74 -3.09
N ASP A 266 20.30 10.08 -4.04
CA ASP A 266 20.11 11.47 -4.40
C ASP A 266 18.72 11.70 -4.99
N ILE A 267 17.68 11.61 -4.17
CA ILE A 267 16.33 11.79 -4.67
C ILE A 267 15.77 13.16 -4.29
N ALA A 268 15.15 13.81 -5.27
CA ALA A 268 14.40 15.03 -5.03
C ALA A 268 12.90 14.77 -5.25
N ILE A 269 12.09 15.07 -4.24
CA ILE A 269 10.65 15.00 -4.37
C ILE A 269 10.10 16.39 -4.67
N ILE A 270 9.30 16.51 -5.73
CA ILE A 270 8.59 17.74 -5.99
C ILE A 270 7.15 17.61 -5.48
N GLY A 271 6.83 18.29 -4.38
CA GLY A 271 5.51 18.13 -3.78
C GLY A 271 5.33 18.90 -2.49
N GLY A 272 4.90 18.21 -1.44
CA GLY A 272 4.55 18.91 -0.21
C GLY A 272 3.18 18.54 0.35
N GLY A 273 2.48 17.61 -0.29
CA GLY A 273 1.25 17.06 0.29
C GLY A 273 1.44 15.72 1.00
N ILE A 274 0.33 15.09 1.36
CA ILE A 274 0.29 13.88 2.15
C ILE A 274 1.16 12.80 1.55
N VAL A 275 1.07 12.60 0.25
CA VAL A 275 1.81 11.53 -0.40
C VAL A 275 3.33 11.80 -0.53
N SER A 276 3.74 13.07 -0.55
CA SER A 276 5.17 13.42 -0.59
C SER A 276 5.83 12.98 0.73
N ALA A 277 5.15 13.26 1.83
CA ALA A 277 5.66 12.89 3.16
C ALA A 277 5.72 11.37 3.33
N LEU A 278 4.65 10.67 2.97
CA LEU A 278 4.66 9.19 3.09
C LEU A 278 5.72 8.54 2.23
N THR A 279 5.90 9.06 1.03
CA THR A 279 6.91 8.52 0.09
C THR A 279 8.33 8.77 0.60
N ALA A 280 8.57 9.99 1.07
CA ALA A 280 9.80 10.35 1.85
C ALA A 280 10.16 9.31 2.89
N LEU A 281 9.19 9.01 3.75
CA LEU A 281 9.39 8.09 4.86
C LEU A 281 9.61 6.68 4.34
N ALA A 282 8.83 6.28 3.33
CA ALA A 282 9.02 4.91 2.85
C ALA A 282 10.40 4.77 2.22
N LEU A 283 10.93 5.83 1.65
CA LEU A 283 12.27 5.78 1.02
C LEU A 283 13.41 5.81 2.05
N GLN A 284 13.22 6.59 3.13
CA GLN A 284 14.18 6.67 4.23
C GLN A 284 14.35 5.32 4.97
N ARG A 285 13.29 4.54 5.08
CA ARG A 285 13.37 3.21 5.68
C ARG A 285 14.36 2.32 4.90
N ARG A 286 14.52 2.58 3.62
CA ARG A 286 15.45 1.85 2.80
C ARG A 286 16.85 2.54 2.68
N GLY A 287 17.01 3.70 3.33
CA GLY A 287 18.30 4.40 3.41
C GLY A 287 18.53 5.37 2.27
N ALA A 288 17.48 5.70 1.55
CA ALA A 288 17.54 6.69 0.50
C ALA A 288 17.80 8.04 1.12
N VAL A 289 18.38 8.94 0.31
CA VAL A 289 18.57 10.34 0.69
C VAL A 289 17.61 11.13 -0.18
N VAL A 290 16.78 11.97 0.43
CA VAL A 290 15.68 12.61 -0.25
C VAL A 290 15.67 14.10 0.08
N THR A 291 15.25 14.92 -0.88
CA THR A 291 15.10 16.35 -0.67
C THR A 291 13.72 16.78 -1.17
N LEU A 292 13.08 17.66 -0.40
CA LEU A 292 11.77 18.18 -0.81
C LEU A 292 11.84 19.60 -1.39
N TYR A 293 11.20 19.79 -2.53
CA TYR A 293 10.95 21.10 -3.11
C TYR A 293 9.47 21.30 -3.16
N CYS A 294 9.01 22.33 -2.47
CA CYS A 294 7.60 22.62 -2.37
C CYS A 294 7.33 24.10 -2.77
N ALA A 295 6.42 24.32 -3.71
CA ALA A 295 6.11 25.67 -4.21
C ALA A 295 5.64 26.62 -3.12
N ASP A 296 4.99 26.11 -2.09
CA ASP A 296 4.46 26.96 -1.05
C ASP A 296 5.42 27.21 0.11
N ALA A 297 4.97 28.03 1.06
CA ALA A 297 5.80 28.41 2.20
C ALA A 297 5.80 27.31 3.24
N GLN A 298 4.77 26.47 3.15
CA GLN A 298 4.48 25.41 4.12
C GLN A 298 3.97 24.18 3.39
N PRO A 299 4.17 23.00 3.97
CA PRO A 299 3.53 21.84 3.39
C PRO A 299 2.02 21.90 3.61
N ALA A 300 1.29 21.08 2.86
CA ALA A 300 -0.16 20.92 3.00
C ALA A 300 -0.98 22.14 2.62
N GLN A 301 -0.47 22.97 1.72
CA GLN A 301 -1.23 24.13 1.23
C GLN A 301 -1.99 23.84 -0.06
N GLY A 302 -1.84 22.62 -0.56
CA GLY A 302 -2.61 22.18 -1.69
C GLY A 302 -3.87 21.43 -1.25
N ALA A 303 -4.12 20.28 -1.86
CA ALA A 303 -5.35 19.56 -1.57
C ALA A 303 -5.35 18.86 -0.19
N SER A 304 -4.17 18.67 0.40
CA SER A 304 -4.00 17.96 1.68
C SER A 304 -4.23 18.84 2.90
N GLY A 305 -4.79 20.03 2.70
CA GLY A 305 -4.85 20.99 3.76
C GLY A 305 -6.16 21.13 4.53
N ASN A 306 -7.12 20.21 4.36
CA ASN A 306 -8.39 20.30 5.13
C ASN A 306 -8.27 20.07 6.65
N ARG A 307 -9.34 20.35 7.35
CA ARG A 307 -9.39 20.14 8.79
C ARG A 307 -9.86 18.74 9.20
N GLN A 308 -10.83 18.19 8.48
CA GLN A 308 -11.27 16.82 8.75
C GLN A 308 -11.64 16.18 7.41
N GLY A 309 -11.03 15.05 7.13
CA GLY A 309 -11.30 14.27 5.93
C GLY A 309 -11.71 12.86 6.34
N ALA A 310 -12.48 12.20 5.47
CA ALA A 310 -13.01 10.87 5.73
C ALA A 310 -12.03 9.77 5.26
N LEU A 311 -11.85 8.76 6.08
CA LEU A 311 -11.02 7.64 5.72
C LEU A 311 -11.89 6.40 5.80
N TYR A 312 -12.16 5.78 4.66
CA TYR A 312 -12.90 4.52 4.54
C TYR A 312 -12.53 3.88 3.18
N PRO A 313 -12.85 2.58 2.97
CA PRO A 313 -12.48 1.99 1.67
C PRO A 313 -13.54 2.23 0.59
N LEU A 314 -13.08 2.23 -0.64
CA LEU A 314 -14.01 2.25 -1.75
C LEU A 314 -14.22 0.82 -2.26
N LEU A 315 -15.44 0.31 -2.04
CA LEU A 315 -15.82 -1.05 -2.40
C LEU A 315 -16.81 -0.98 -3.57
N ASN A 316 -16.94 -2.09 -4.30
CA ASN A 316 -17.90 -2.20 -5.42
C ASN A 316 -18.53 -3.61 -5.52
N GLY A 317 -17.93 -4.60 -4.88
CA GLY A 317 -18.48 -5.94 -4.94
C GLY A 317 -18.19 -6.62 -6.27
N LYS A 318 -17.32 -6.04 -7.09
CA LYS A 318 -16.96 -6.62 -8.39
C LYS A 318 -15.65 -7.39 -8.36
N ASN A 319 -14.93 -7.34 -7.25
CA ASN A 319 -13.63 -8.00 -7.11
C ASN A 319 -12.64 -7.64 -8.25
N ASP A 320 -12.73 -6.40 -8.73
CA ASP A 320 -11.82 -5.89 -9.76
C ASP A 320 -10.52 -5.27 -9.16
N ALA A 321 -9.71 -4.61 -10.00
CA ALA A 321 -8.44 -4.05 -9.56
C ALA A 321 -8.73 -2.96 -8.53
N LEU A 322 -9.78 -2.19 -8.78
CA LEU A 322 -10.13 -1.10 -7.93
C LEU A 322 -10.37 -1.60 -6.51
N GLU A 323 -11.33 -2.49 -6.34
CA GLU A 323 -11.70 -3.00 -5.03
C GLU A 323 -10.53 -3.72 -4.36
N THR A 324 -9.83 -4.54 -5.12
CA THR A 324 -8.64 -5.22 -4.63
C THR A 324 -7.62 -4.21 -4.06
N PHE A 325 -7.41 -3.10 -4.74
CA PHE A 325 -6.46 -2.15 -4.29
C PHE A 325 -6.98 -1.46 -3.01
N PHE A 326 -8.22 -0.97 -3.03
CA PHE A 326 -8.75 -0.28 -1.89
C PHE A 326 -8.88 -1.11 -0.62
N THR A 327 -9.07 -2.42 -0.79
CA THR A 327 -9.18 -3.35 0.33
C THR A 327 -7.85 -3.45 1.07
N SER A 328 -6.78 -3.72 0.32
CA SER A 328 -5.42 -3.60 0.85
C SER A 328 -5.04 -2.21 1.35
N ALA A 329 -5.42 -1.17 0.61
CA ALA A 329 -4.95 0.20 0.89
C ALA A 329 -5.46 0.73 2.23
N PHE A 330 -6.74 0.49 2.46
CA PHE A 330 -7.44 0.96 3.64
C PHE A 330 -6.84 0.36 4.89
N THR A 331 -6.68 -0.96 4.87
CA THR A 331 -6.18 -1.67 6.02
C THR A 331 -4.73 -1.29 6.28
N PHE A 332 -3.90 -1.31 5.23
CA PHE A 332 -2.51 -0.80 5.29
C PHE A 332 -2.42 0.63 5.83
N ALA A 333 -3.31 1.52 5.41
CA ALA A 333 -3.31 2.90 5.95
C ALA A 333 -3.66 2.97 7.46
N ARG A 334 -4.76 2.34 7.87
CA ARG A 334 -5.07 2.23 9.29
C ARG A 334 -3.89 1.71 10.13
N ARG A 335 -3.23 0.63 9.72
CA ARG A 335 -2.08 0.15 10.47
C ARG A 335 -0.95 1.14 10.53
N GLN A 336 -0.58 1.75 9.40
CA GLN A 336 0.49 2.73 9.43
C GLN A 336 0.12 3.93 10.32
N TYR A 337 -1.10 4.43 10.21
CA TYR A 337 -1.54 5.55 11.06
C TYR A 337 -1.45 5.16 12.55
N ASP A 338 -1.87 3.95 12.91
CA ASP A 338 -1.72 3.47 14.29
C ASP A 338 -0.26 3.33 14.73
N GLN A 339 0.62 2.83 13.86
CA GLN A 339 2.03 2.71 14.20
C GLN A 339 2.64 4.08 14.45
N LEU A 340 2.28 5.04 13.63
CA LEU A 340 2.76 6.38 13.77
C LEU A 340 2.28 6.98 15.10
N LEU A 341 0.99 6.82 15.40
CA LEU A 341 0.46 7.31 16.66
C LEU A 341 1.15 6.62 17.85
N GLU A 342 1.52 5.36 17.69
CA GLU A 342 2.17 4.63 18.75
C GLU A 342 3.59 5.15 19.02
N GLN A 343 4.27 5.58 17.97
CA GLN A 343 5.57 6.23 18.10
C GLN A 343 5.56 7.68 18.60
N GLY A 344 4.39 8.24 18.90
CA GLY A 344 4.33 9.61 19.41
C GLY A 344 4.03 10.73 18.41
N ILE A 345 3.88 10.40 17.12
CA ILE A 345 3.39 11.39 16.13
C ILE A 345 1.95 11.83 16.47
N ALA A 346 1.67 13.14 16.44
CA ALA A 346 0.35 13.61 16.87
C ALA A 346 -0.47 14.15 15.72
N PHE A 347 -1.75 13.80 15.65
CA PHE A 347 -2.65 14.47 14.69
C PHE A 347 -4.07 14.22 15.09
N ASP A 348 -4.92 15.24 14.99
CA ASP A 348 -6.34 15.06 15.28
C ASP A 348 -6.94 13.99 14.39
N HIS A 349 -7.81 13.19 14.99
CA HIS A 349 -8.43 12.06 14.32
C HIS A 349 -9.36 11.36 15.29
N GLN A 350 -10.34 10.63 14.77
CA GLN A 350 -11.11 9.64 15.55
C GLN A 350 -11.37 8.44 14.65
N TRP A 351 -10.98 7.26 15.10
CA TRP A 351 -11.42 6.10 14.41
C TRP A 351 -12.87 5.76 14.85
N CYS A 352 -13.79 6.66 14.52
CA CYS A 352 -15.17 6.58 15.00
C CYS A 352 -16.10 5.75 14.10
N GLY A 353 -15.60 5.23 12.99
CA GLY A 353 -16.41 4.56 12.00
C GLY A 353 -17.00 5.49 10.95
N VAL A 354 -17.27 4.95 9.77
CA VAL A 354 -17.90 5.71 8.73
C VAL A 354 -19.22 4.99 8.40
N SER A 355 -20.31 5.75 8.27
CA SER A 355 -21.58 5.17 7.81
C SER A 355 -21.96 5.75 6.44
N GLN A 356 -21.99 4.88 5.43
CA GLN A 356 -22.29 5.30 4.09
C GLN A 356 -23.77 4.99 3.83
N LEU A 357 -24.56 6.02 3.49
CA LEU A 357 -26.02 5.87 3.43
C LEU A 357 -26.62 5.55 2.03
N ALA A 358 -27.63 4.69 2.02
CA ALA A 358 -28.40 4.36 0.81
C ALA A 358 -29.49 5.41 0.66
N PHE A 359 -29.08 6.61 0.28
CA PHE A 359 -29.98 7.76 0.33
C PHE A 359 -30.75 7.91 -0.99
N ASP A 360 -30.51 6.97 -1.89
CA ASP A 360 -30.78 7.12 -3.29
C ASP A 360 -30.98 5.77 -3.90
N ASP A 361 -31.61 5.75 -5.09
CA ASP A 361 -31.68 4.53 -5.94
C ASP A 361 -30.25 4.05 -6.35
N LYS A 362 -29.45 4.96 -6.88
CA LYS A 362 -28.10 4.67 -7.31
C LYS A 362 -27.20 4.19 -6.17
N SER A 363 -27.19 4.96 -5.08
CA SER A 363 -26.35 4.60 -3.94
C SER A 363 -26.81 3.28 -3.33
N ARG A 364 -28.13 3.05 -3.25
CA ARG A 364 -28.64 1.79 -2.69
C ARG A 364 -28.19 0.60 -3.56
N GLY A 365 -28.36 0.75 -4.87
CA GLY A 365 -27.82 -0.23 -5.78
C GLY A 365 -26.33 -0.49 -5.58
N LYS A 366 -25.52 0.56 -5.50
CA LYS A 366 -24.07 0.38 -5.26
C LYS A 366 -23.82 -0.36 -3.94
N ILE A 367 -24.56 0.00 -2.91
CA ILE A 367 -24.30 -0.60 -1.61
C ILE A 367 -24.73 -2.03 -1.64
N GLU A 368 -25.85 -2.26 -2.30
CA GLU A 368 -26.35 -3.64 -2.43
C GLU A 368 -25.31 -4.51 -3.08
N LYS A 369 -24.67 -4.02 -4.16
CA LYS A 369 -23.66 -4.82 -4.89
C LYS A 369 -22.43 -5.13 -3.99
N MSE A 370 -22.05 -4.17 -3.15
CA MSE A 370 -20.91 -4.36 -2.26
C MSE A 370 -21.21 -5.48 -1.30
O MSE A 370 -20.31 -6.22 -0.96
CB MSE A 370 -20.66 -3.13 -1.41
CG MSE A 370 -20.50 -1.86 -2.16
SE MSE A 370 -20.26 -0.42 -0.83
CE MSE A 370 -20.27 1.12 -2.08
N LEU A 371 -22.46 -5.56 -0.84
CA LEU A 371 -22.82 -6.54 0.17
C LEU A 371 -22.98 -7.93 -0.36
N HIS A 372 -22.76 -8.11 -1.65
CA HIS A 372 -22.80 -9.46 -2.20
C HIS A 372 -21.51 -10.24 -1.95
N THR A 373 -20.37 -9.54 -1.86
CA THR A 373 -19.15 -10.15 -1.36
C THR A 373 -19.29 -10.30 0.16
N GLN A 374 -18.79 -11.38 0.73
CA GLN A 374 -19.04 -11.58 2.17
C GLN A 374 -17.88 -11.00 3.01
N TRP A 375 -18.09 -9.84 3.61
CA TRP A 375 -17.02 -9.18 4.33
C TRP A 375 -17.06 -9.53 5.81
N PRO A 376 -15.89 -9.61 6.47
CA PRO A 376 -15.97 -9.66 7.93
C PRO A 376 -16.57 -8.37 8.43
N VAL A 377 -17.39 -8.46 9.45
CA VAL A 377 -18.11 -7.31 9.95
C VAL A 377 -17.15 -6.28 10.53
N GLU A 378 -15.93 -6.72 10.85
CA GLU A 378 -14.83 -5.84 11.29
C GLU A 378 -14.29 -4.94 10.17
N PHE A 379 -14.80 -5.13 8.95
CA PHE A 379 -14.35 -4.34 7.79
C PHE A 379 -15.54 -3.58 7.18
N ALA A 380 -16.64 -4.28 6.95
CA ALA A 380 -17.82 -3.64 6.43
C ALA A 380 -19.08 -4.43 6.76
N GLU A 381 -20.11 -3.76 7.21
CA GLU A 381 -21.30 -4.43 7.67
C GLU A 381 -22.55 -3.71 7.25
N ALA A 382 -23.44 -4.45 6.59
CA ALA A 382 -24.80 -4.00 6.28
C ALA A 382 -25.53 -3.61 7.52
N MSE A 383 -26.23 -2.49 7.47
CA MSE A 383 -26.94 -2.06 8.65
C MSE A 383 -28.22 -1.34 8.31
O MSE A 383 -28.29 -0.59 7.34
CB MSE A 383 -26.06 -1.16 9.51
CG MSE A 383 -24.99 -1.95 10.32
SE MSE A 383 -24.24 -0.86 11.77
CE MSE A 383 -22.93 -2.18 12.42
N SER A 384 -29.24 -1.59 9.11
CA SER A 384 -30.52 -0.94 8.95
C SER A 384 -30.45 0.52 9.44
N ARG A 385 -31.47 1.29 9.10
CA ARG A 385 -31.57 2.66 9.51
C ARG A 385 -31.44 2.79 11.02
N GLU A 386 -32.14 1.91 11.73
CA GLU A 386 -32.14 1.88 13.16
C GLU A 386 -30.75 1.59 13.73
N GLN A 387 -30.06 0.60 13.17
CA GLN A 387 -28.76 0.23 13.67
C GLN A 387 -27.75 1.38 13.46
N LEU A 388 -27.74 1.96 12.26
CA LEU A 388 -26.89 3.12 11.96
C LEU A 388 -27.15 4.24 12.95
N SER A 389 -28.42 4.56 13.15
CA SER A 389 -28.80 5.68 14.04
C SER A 389 -28.41 5.40 15.47
N GLU A 390 -28.52 4.15 15.88
CA GLU A 390 -28.12 3.77 17.23
C GLU A 390 -26.64 4.10 17.39
N LEU A 391 -25.81 3.65 16.45
CA LEU A 391 -24.38 3.99 16.46
C LEU A 391 -24.15 5.49 16.36
N ALA A 392 -24.89 6.16 15.50
CA ALA A 392 -24.59 7.54 15.17
C ALA A 392 -24.97 8.53 16.27
N GLY A 393 -26.01 8.20 17.05
CA GLY A 393 -26.50 9.13 18.06
C GLY A 393 -27.55 10.07 17.46
N LEU A 394 -27.78 9.96 16.15
CA LEU A 394 -28.75 10.79 15.44
C LEU A 394 -29.41 9.91 14.38
N ASP A 395 -30.65 10.19 14.04
CA ASP A 395 -31.39 9.42 13.04
C ASP A 395 -30.72 9.66 11.68
N CYS A 396 -30.19 8.59 11.09
CA CYS A 396 -29.44 8.64 9.84
C CYS A 396 -30.37 8.55 8.59
N ALA A 397 -31.66 8.36 8.84
CA ALA A 397 -32.67 8.48 7.78
C ALA A 397 -32.71 7.34 6.77
N HIS A 398 -31.64 6.55 6.68
CA HIS A 398 -31.57 5.49 5.68
C HIS A 398 -30.79 4.33 6.26
N ASP A 399 -30.88 3.18 5.61
CA ASP A 399 -29.92 2.16 5.91
C ASP A 399 -28.69 2.33 5.02
N GLY A 400 -27.74 1.45 5.19
CA GLY A 400 -26.58 1.51 4.38
C GLY A 400 -25.53 0.55 4.91
N ILE A 401 -24.27 0.95 4.79
CA ILE A 401 -23.13 0.10 5.15
C ILE A 401 -22.22 0.81 6.12
N HIS A 402 -21.69 0.08 7.10
CA HIS A 402 -20.88 0.68 8.15
C HIS A 402 -19.44 0.14 8.09
N TYR A 403 -18.45 1.03 8.14
CA TYR A 403 -17.03 0.68 8.13
C TYR A 403 -16.39 0.99 9.50
N PRO A 404 -16.43 0.04 10.44
CA PRO A 404 -16.11 0.41 11.83
C PRO A 404 -14.66 0.87 12.06
N ALA A 405 -13.74 0.60 11.14
CA ALA A 405 -12.36 1.09 11.32
C ALA A 405 -12.10 2.38 10.56
N GLY A 406 -13.10 2.86 9.83
CA GLY A 406 -12.93 4.17 9.16
C GLY A 406 -13.02 5.27 10.20
N GLY A 407 -12.94 6.52 9.77
CA GLY A 407 -13.13 7.63 10.67
C GLY A 407 -12.77 8.92 9.98
N TRP A 408 -12.28 9.89 10.74
CA TRP A 408 -11.75 11.09 10.15
C TRP A 408 -10.39 11.42 10.74
N LEU A 409 -9.57 12.08 9.95
CA LEU A 409 -8.36 12.64 10.48
C LEU A 409 -8.17 14.06 9.93
N CYS A 410 -7.35 14.86 10.63
CA CYS A 410 -6.99 16.19 10.15
C CYS A 410 -5.78 16.04 9.23
N PRO A 411 -5.99 16.11 7.91
CA PRO A 411 -4.90 15.80 6.99
C PRO A 411 -3.85 16.89 6.97
N SER A 412 -4.27 18.10 7.27
CA SER A 412 -3.31 19.16 7.46
C SER A 412 -2.30 18.83 8.60
N ASP A 413 -2.79 18.40 9.77
CA ASP A 413 -1.92 18.09 10.90
C ASP A 413 -1.07 16.90 10.53
N LEU A 414 -1.70 15.91 9.88
CA LEU A 414 -0.99 14.71 9.53
C LEU A 414 0.17 14.97 8.58
N THR A 415 -0.09 15.74 7.52
CA THR A 415 0.96 16.11 6.58
C THR A 415 2.10 16.93 7.23
N HIS A 416 1.78 17.96 8.03
CA HIS A 416 2.84 18.68 8.75
C HIS A 416 3.65 17.74 9.64
N ALA A 417 2.97 16.85 10.35
CA ALA A 417 3.62 15.92 11.27
C ALA A 417 4.60 14.96 10.56
N LEU A 418 4.16 14.41 9.42
CA LEU A 418 4.97 13.43 8.65
C LEU A 418 6.12 14.11 7.95
N MSE A 419 5.89 15.36 7.55
CA MSE A 419 6.94 16.15 6.92
C MSE A 419 8.05 16.48 7.95
O MSE A 419 9.23 16.25 7.69
CB MSE A 419 6.36 17.42 6.33
CG MSE A 419 7.10 17.83 5.09
SE MSE A 419 6.85 16.63 3.53
CE MSE A 419 4.99 17.23 3.24
N MSE A 420 7.62 16.88 9.14
CA MSE A 420 8.52 17.14 10.26
C MSE A 420 9.36 15.87 10.56
O MSE A 420 10.59 15.92 10.67
CB MSE A 420 7.70 17.55 11.46
CG MSE A 420 8.38 18.49 12.45
SE MSE A 420 7.16 18.93 14.00
CE MSE A 420 5.64 19.81 13.06
N LEU A 421 8.68 14.73 10.62
CA LEU A 421 9.38 13.48 10.88
C LEU A 421 10.38 13.13 9.78
N ALA A 422 10.02 13.39 8.53
CA ALA A 422 10.93 13.11 7.43
C ALA A 422 12.12 14.06 7.55
N GLN A 423 11.85 15.30 7.95
CA GLN A 423 12.91 16.28 8.19
C GLN A 423 13.85 15.86 9.31
N GLN A 424 13.31 15.49 10.46
CA GLN A 424 14.12 15.02 11.58
C GLN A 424 14.99 13.82 11.16
N ASN A 425 14.51 13.06 10.16
CA ASN A 425 15.22 11.87 9.79
C ASN A 425 16.17 12.08 8.64
N GLY A 426 16.29 13.32 8.16
CA GLY A 426 17.31 13.60 7.16
C GLY A 426 16.87 14.24 5.85
N MSE A 427 15.60 14.58 5.72
CA MSE A 427 15.13 15.21 4.49
C MSE A 427 15.26 16.70 4.61
O MSE A 427 14.60 17.31 5.45
CB MSE A 427 13.65 14.89 4.25
CG MSE A 427 13.17 15.46 2.96
SE MSE A 427 11.35 14.90 2.41
CE MSE A 427 10.31 15.95 3.71
N THR A 428 16.02 17.31 3.72
CA THR A 428 16.14 18.76 3.72
C THR A 428 14.95 19.31 2.93
N CYS A 429 14.40 20.43 3.39
CA CYS A 429 13.21 20.98 2.77
C CYS A 429 13.43 22.36 2.25
N HIS A 430 13.18 22.53 0.95
CA HIS A 430 13.24 23.84 0.33
C HIS A 430 11.85 24.32 -0.06
N TYR A 431 11.22 25.09 0.83
CA TYR A 431 9.92 25.72 0.56
C TYR A 431 10.07 26.98 -0.31
N GLN A 432 8.93 27.41 -0.88
CA GLN A 432 8.88 28.47 -1.88
C GLN A 432 9.81 28.21 -3.05
N HIS A 433 9.88 26.95 -3.43
CA HIS A 433 10.61 26.51 -4.61
C HIS A 433 9.67 25.91 -5.64
N GLU A 434 8.95 26.76 -6.38
CA GLU A 434 8.10 26.28 -7.45
C GLU A 434 8.94 25.86 -8.65
N LEU A 435 8.93 24.59 -8.99
CA LEU A 435 9.64 24.15 -10.16
C LEU A 435 8.99 24.69 -11.43
N GLN A 436 9.80 25.15 -12.37
CA GLN A 436 9.27 25.74 -13.64
C GLN A 436 9.78 25.02 -14.89
N ARG A 437 10.90 24.34 -14.73
CA ARG A 437 11.54 23.70 -15.85
C ARG A 437 12.28 22.50 -15.31
N LEU A 438 12.14 21.39 -16.01
CA LEU A 438 12.75 20.12 -15.63
C LEU A 438 13.35 19.53 -16.89
N LYS A 439 14.60 19.11 -16.85
CA LYS A 439 15.28 18.81 -18.10
C LYS A 439 16.42 17.84 -17.82
N ARG A 440 16.49 16.73 -18.55
CA ARG A 440 17.62 15.81 -18.38
C ARG A 440 18.85 16.23 -19.16
N ILE A 441 19.98 16.29 -18.45
CA ILE A 441 21.26 16.66 -19.06
C ILE A 441 22.42 15.93 -18.39
N ASP A 442 23.06 15.02 -19.14
CA ASP A 442 24.28 14.38 -18.68
C ASP A 442 24.04 13.59 -17.37
N SER A 443 23.03 12.72 -17.36
CA SER A 443 22.76 11.85 -16.22
C SER A 443 22.24 12.52 -14.95
N GLN A 444 21.67 13.71 -15.10
CA GLN A 444 21.12 14.44 -13.96
C GLN A 444 19.89 15.18 -14.39
N TRP A 445 18.93 15.35 -13.46
CA TRP A 445 17.81 16.25 -13.71
C TRP A 445 18.19 17.66 -13.25
N GLN A 446 18.11 18.62 -14.18
CA GLN A 446 18.30 20.03 -13.87
C GLN A 446 16.92 20.65 -13.54
N LEU A 447 16.86 21.33 -12.40
CA LEU A 447 15.63 21.90 -11.87
C LEU A 447 15.78 23.42 -11.84
N THR A 448 14.89 24.11 -12.56
CA THR A 448 14.82 25.58 -12.54
C THR A 448 13.55 26.04 -11.81
N PHE A 449 13.76 26.90 -10.81
CA PHE A 449 12.70 27.42 -9.95
C PHE A 449 12.30 28.88 -10.27
N GLY A 450 11.30 29.39 -9.55
CA GLY A 450 10.80 30.75 -9.73
C GLY A 450 11.09 31.59 -8.50
N SER A 452 12.99 33.59 -7.92
CA SER A 452 13.97 32.88 -8.73
C SER A 452 15.21 32.47 -7.90
N GLN A 453 15.18 31.24 -7.35
CA GLN A 453 16.29 30.68 -6.55
C GLN A 453 17.25 29.90 -7.44
N ALA A 454 18.35 29.45 -6.85
CA ALA A 454 19.39 28.76 -7.62
C ALA A 454 18.89 27.45 -8.27
N ALA A 455 19.33 27.20 -9.50
CA ALA A 455 19.05 25.94 -10.17
C ALA A 455 19.70 24.78 -9.40
N LYS A 456 18.98 23.67 -9.29
CA LYS A 456 19.53 22.48 -8.64
C LYS A 456 19.56 21.30 -9.59
N HIS A 457 20.34 20.27 -9.26
CA HIS A 457 20.41 19.10 -10.14
C HIS A 457 20.46 17.83 -9.30
N HIS A 458 19.81 16.78 -9.76
CA HIS A 458 19.68 15.57 -8.96
C HIS A 458 19.66 14.39 -9.85
N ALA A 459 20.07 13.25 -9.32
CA ALA A 459 20.11 12.01 -10.08
C ALA A 459 18.73 11.50 -10.40
N THR A 460 17.84 11.60 -9.41
CA THR A 460 16.51 11.01 -9.50
C THR A 460 15.46 11.98 -8.99
N VAL A 461 14.37 12.09 -9.74
CA VAL A 461 13.26 12.93 -9.32
C VAL A 461 11.92 12.17 -9.21
N ILE A 462 11.10 12.59 -8.26
CA ILE A 462 9.74 12.06 -8.08
C ILE A 462 8.80 13.26 -8.13
N LEU A 463 7.78 13.19 -8.98
CA LEU A 463 6.69 14.20 -9.02
C LEU A 463 5.49 13.77 -8.19
N ALA A 464 5.20 14.56 -7.16
CA ALA A 464 4.06 14.38 -6.32
C ALA A 464 3.33 15.73 -6.18
N THR A 465 2.95 16.33 -7.30
CA THR A 465 2.41 17.70 -7.30
C THR A 465 0.91 17.76 -7.51
N GLY A 466 0.24 16.63 -7.31
CA GLY A 466 -1.22 16.65 -7.17
C GLY A 466 -1.86 17.05 -8.47
N HIS A 467 -2.86 17.92 -8.40
CA HIS A 467 -3.52 18.38 -9.62
C HIS A 467 -2.59 19.02 -10.71
N ARG A 468 -1.39 19.43 -10.32
CA ARG A 468 -0.44 20.04 -11.26
C ARG A 468 0.46 19.03 -11.99
N LEU A 469 0.25 17.75 -11.67
CA LEU A 469 1.08 16.67 -12.18
C LEU A 469 1.27 16.69 -13.73
N PRO A 470 0.18 16.94 -14.50
CA PRO A 470 0.36 16.79 -15.95
C PRO A 470 0.79 18.12 -16.66
N GLU A 471 1.47 19.01 -15.97
CA GLU A 471 1.88 20.30 -16.56
C GLU A 471 3.27 20.26 -17.19
N TRP A 472 3.81 19.08 -17.45
CA TRP A 472 5.19 18.98 -17.90
C TRP A 472 5.20 18.36 -19.25
N GLU A 473 6.22 18.66 -20.02
CA GLU A 473 6.32 18.07 -21.35
C GLU A 473 6.43 16.56 -21.16
N GLN A 474 7.09 16.17 -20.07
CA GLN A 474 7.21 14.77 -19.65
C GLN A 474 5.91 14.12 -19.12
N THR A 475 4.91 14.90 -18.73
CA THR A 475 3.68 14.30 -18.19
C THR A 475 2.37 14.69 -18.88
N HIS A 476 2.45 15.53 -19.91
CA HIS A 476 1.21 16.14 -20.44
C HIS A 476 0.33 15.27 -21.30
N HIS A 477 0.74 14.04 -21.61
CA HIS A 477 -0.18 13.10 -22.30
C HIS A 477 -0.89 12.13 -21.34
N LEU A 478 -0.71 12.32 -20.05
CA LEU A 478 -1.38 11.49 -19.05
C LEU A 478 -2.75 12.09 -18.76
N PRO A 479 -3.78 11.24 -18.80
CA PRO A 479 -5.15 11.69 -18.54
C PRO A 479 -5.46 11.96 -17.07
N LEU A 480 -4.95 13.07 -16.55
CA LEU A 480 -5.25 13.47 -15.19
C LEU A 480 -6.11 14.72 -15.26
N SER A 481 -7.20 14.71 -14.53
CA SER A 481 -8.19 15.75 -14.57
C SER A 481 -8.08 16.51 -13.24
N ALA A 482 -8.38 17.81 -13.25
CA ALA A 482 -8.30 18.65 -12.07
C ALA A 482 -9.69 19.04 -11.56
N VAL A 483 -9.98 18.81 -10.27
CA VAL A 483 -11.35 19.08 -9.79
C VAL A 483 -11.38 19.84 -8.49
N ARG A 484 -11.78 21.09 -8.57
CA ARG A 484 -11.95 21.92 -7.41
C ARG A 484 -12.98 21.28 -6.49
N GLY A 485 -12.76 21.45 -5.19
CA GLY A 485 -13.82 21.28 -4.18
C GLY A 485 -13.66 22.29 -3.06
N GLN A 486 -14.76 22.58 -2.38
CA GLN A 486 -14.82 23.50 -1.24
C GLN A 486 -15.47 22.77 -0.09
N VAL A 487 -14.81 22.80 1.07
CA VAL A 487 -15.30 22.10 2.26
C VAL A 487 -15.67 23.17 3.28
N SER A 488 -16.88 23.13 3.80
CA SER A 488 -17.34 24.16 4.75
C SER A 488 -16.98 23.80 6.19
N HIS A 489 -16.69 24.81 6.99
CA HIS A 489 -16.34 24.68 8.38
C HIS A 489 -17.55 25.21 9.14
N ILE A 490 -18.15 24.40 10.01
CA ILE A 490 -19.39 24.80 10.64
C ILE A 490 -19.33 24.63 12.16
N PRO A 491 -19.92 25.58 12.89
CA PRO A 491 -19.86 25.43 14.36
C PRO A 491 -20.78 24.28 14.81
N THR A 492 -20.44 23.60 15.91
CA THR A 492 -21.27 22.51 16.37
C THR A 492 -22.44 23.08 17.17
N THR A 493 -23.37 22.23 17.59
CA THR A 493 -24.48 22.65 18.44
C THR A 493 -24.74 21.48 19.38
N PRO A 494 -25.55 21.67 20.43
CA PRO A 494 -25.77 20.49 21.28
C PRO A 494 -26.21 19.26 20.45
N VAL A 495 -27.18 19.41 19.53
CA VAL A 495 -27.60 18.25 18.71
C VAL A 495 -26.53 17.72 17.74
N LEU A 496 -25.80 18.60 17.07
CA LEU A 496 -24.76 18.14 16.15
C LEU A 496 -23.59 17.45 16.84
N SER A 497 -23.33 17.86 18.08
CA SER A 497 -22.27 17.26 18.89
C SER A 497 -22.55 15.79 19.13
N GLN A 498 -23.80 15.39 18.94
CA GLN A 498 -24.21 14.03 19.27
C GLN A 498 -23.72 13.01 18.28
N LEU A 499 -23.40 13.48 17.07
CA LEU A 499 -23.00 12.63 15.93
C LEU A 499 -21.68 11.91 16.18
N GLN A 500 -21.68 10.58 16.09
CA GLN A 500 -20.45 9.76 16.34
C GLN A 500 -19.70 9.24 15.12
N GLN A 501 -20.36 9.22 13.95
CA GLN A 501 -19.72 8.71 12.75
C GLN A 501 -19.57 9.80 11.67
N VAL A 502 -18.67 9.58 10.72
CA VAL A 502 -18.73 10.27 9.45
C VAL A 502 -19.92 9.68 8.67
N LEU A 503 -20.77 10.56 8.17
CA LEU A 503 -21.89 10.19 7.31
C LEU A 503 -21.55 10.56 5.88
N CYS A 504 -21.65 9.55 4.99
CA CYS A 504 -21.41 9.71 3.57
C CYS A 504 -22.69 9.54 2.80
N TYR A 505 -23.02 10.55 2.00
CA TYR A 505 -24.17 10.54 1.12
C TYR A 505 -23.62 11.08 -0.21
N ASP A 506 -24.36 11.99 -0.86
CA ASP A 506 -23.79 12.73 -2.00
C ASP A 506 -23.02 13.90 -1.39
N GLY A 507 -21.89 13.58 -0.76
CA GLY A 507 -21.23 14.48 0.18
C GLY A 507 -20.96 13.77 1.50
N TYR A 508 -20.49 14.51 2.50
CA TYR A 508 -20.12 13.94 3.79
C TYR A 508 -20.13 15.01 4.87
N LEU A 509 -20.34 14.55 6.10
CA LEU A 509 -20.37 15.39 7.28
C LEU A 509 -19.63 14.62 8.35
N THR A 510 -18.61 15.22 8.93
CA THR A 510 -17.82 14.63 10.00
C THR A 510 -18.41 14.96 11.37
N PRO A 511 -18.09 14.14 12.39
CA PRO A 511 -18.40 14.59 13.77
C PRO A 511 -17.59 15.82 14.16
N VAL A 512 -17.96 16.46 15.27
CA VAL A 512 -17.22 17.61 15.78
C VAL A 512 -15.77 17.19 16.05
N ASN A 513 -14.81 18.02 15.65
CA ASN A 513 -13.46 17.87 16.20
C ASN A 513 -13.44 18.49 17.61
N PRO A 514 -13.39 17.65 18.66
CA PRO A 514 -13.57 18.21 20.02
C PRO A 514 -12.49 19.24 20.35
N ALA A 515 -11.34 19.18 19.66
CA ALA A 515 -10.32 20.23 19.78
C ALA A 515 -10.70 21.64 19.25
N ASN A 516 -11.61 21.73 18.29
CA ASN A 516 -12.02 23.04 17.78
C ASN A 516 -13.51 23.31 17.77
N GLN A 517 -14.33 22.34 18.16
CA GLN A 517 -15.77 22.56 18.27
C GLN A 517 -16.43 22.89 16.92
N HIS A 518 -15.78 22.45 15.86
CA HIS A 518 -16.31 22.61 14.53
C HIS A 518 -16.33 21.26 13.78
N HIS A 519 -17.26 21.14 12.83
CA HIS A 519 -17.29 20.03 11.90
C HIS A 519 -16.94 20.52 10.50
N CYS A 520 -16.64 19.57 9.64
CA CYS A 520 -16.51 19.79 8.21
C CYS A 520 -17.67 19.13 7.48
N ILE A 521 -18.21 19.86 6.50
CA ILE A 521 -19.23 19.32 5.60
C ILE A 521 -18.94 19.70 4.14
N GLY A 522 -18.77 18.69 3.28
CA GLY A 522 -18.47 18.95 1.89
C GLY A 522 -19.23 18.02 0.95
N ALA A 523 -18.86 18.06 -0.33
CA ALA A 523 -17.92 19.01 -0.89
C ALA A 523 -18.38 19.30 -2.30
N SER A 524 -18.09 20.49 -2.80
CA SER A 524 -18.32 20.73 -4.22
C SER A 524 -17.36 19.88 -5.07
N TYR A 525 -17.75 19.61 -6.31
CA TYR A 525 -17.01 18.79 -7.22
C TYR A 525 -17.08 19.45 -8.63
N GLN A 526 -16.14 20.36 -8.91
CA GLN A 526 -16.22 21.22 -10.08
C GLN A 526 -15.12 20.85 -11.11
N ARG A 527 -15.48 20.04 -12.12
CA ARG A 527 -14.50 19.60 -13.12
C ARG A 527 -14.03 20.78 -14.00
N GLY A 528 -12.74 20.77 -14.33
CA GLY A 528 -12.10 21.83 -15.13
C GLY A 528 -11.93 23.15 -14.41
N ASP A 529 -12.08 23.14 -13.09
CA ASP A 529 -12.11 24.36 -12.31
C ASP A 529 -10.99 24.25 -11.28
N ILE A 530 -10.05 25.19 -11.32
CA ILE A 530 -8.89 25.06 -10.44
C ILE A 530 -8.74 26.29 -9.54
N ALA A 531 -9.69 27.23 -9.64
CA ALA A 531 -9.67 28.38 -8.75
C ALA A 531 -10.00 27.90 -7.33
N THR A 532 -9.40 28.55 -6.35
CA THR A 532 -9.58 28.19 -4.97
C THR A 532 -10.19 29.33 -4.18
N ASP A 533 -10.94 30.18 -4.86
CA ASP A 533 -11.63 31.28 -4.23
C ASP A 533 -12.89 30.77 -3.53
N PHE A 534 -13.15 31.29 -2.34
CA PHE A 534 -14.39 31.06 -1.67
C PHE A 534 -15.58 31.45 -2.56
N ARG A 535 -16.56 30.56 -2.69
CA ARG A 535 -17.76 30.89 -3.41
C ARG A 535 -18.95 30.65 -2.52
N LEU A 536 -19.90 31.59 -2.54
CA LEU A 536 -21.05 31.50 -1.65
C LEU A 536 -22.01 30.40 -2.11
N THR A 537 -22.16 30.29 -3.42
CA THR A 537 -23.01 29.28 -3.97
C THR A 537 -22.56 27.88 -3.50
N GLU A 538 -21.25 27.66 -3.49
CA GLU A 538 -20.72 26.38 -3.09
C GLU A 538 -20.85 26.14 -1.59
N GLN A 539 -20.86 27.22 -0.80
CA GLN A 539 -21.06 27.16 0.64
C GLN A 539 -22.48 26.71 0.96
N GLN A 540 -23.45 27.28 0.26
CA GLN A 540 -24.83 26.83 0.42
C GLN A 540 -25.01 25.41 -0.05
N GLU A 541 -24.37 25.04 -1.14
CA GLU A 541 -24.53 23.65 -1.62
C GLU A 541 -24.05 22.57 -0.68
N ASN A 542 -23.01 22.86 0.11
CA ASN A 542 -22.56 21.85 1.06
C ASN A 542 -23.68 21.55 2.07
N ARG A 543 -24.47 22.56 2.42
CA ARG A 543 -25.61 22.32 3.32
C ARG A 543 -26.77 21.66 2.54
N GLU A 544 -27.06 22.19 1.35
CA GLU A 544 -28.10 21.65 0.46
C GLU A 544 -27.90 20.18 0.26
N ARG A 545 -26.66 19.72 0.07
CA ARG A 545 -26.44 18.32 -0.21
C ARG A 545 -27.01 17.49 0.91
N LEU A 546 -26.74 17.91 2.15
CA LEU A 546 -27.16 17.15 3.29
C LEU A 546 -28.69 17.16 3.37
N LEU A 547 -29.28 18.35 3.33
CA LEU A 547 -30.74 18.51 3.43
C LEU A 547 -31.43 17.70 2.34
N ARG A 548 -30.83 17.67 1.16
CA ARG A 548 -31.39 16.95 0.01
C ARG A 548 -31.35 15.45 0.23
N CYS A 549 -30.27 14.93 0.83
CA CYS A 549 -30.12 13.44 0.95
C CYS A 549 -30.79 12.80 2.18
N LEU A 550 -31.10 13.59 3.20
CA LEU A 550 -31.75 13.06 4.41
C LEU A 550 -33.02 13.85 4.70
N PRO A 551 -33.92 13.91 3.72
CA PRO A 551 -35.06 14.81 3.89
C PRO A 551 -36.00 14.33 4.98
N GLN A 552 -35.98 13.04 5.30
CA GLN A 552 -36.86 12.46 6.34
C GLN A 552 -36.58 12.83 7.82
N VAL A 553 -35.46 13.49 8.10
CA VAL A 553 -35.10 13.87 9.46
C VAL A 553 -34.89 15.38 9.50
N SER A 554 -34.95 16.00 10.69
CA SER A 554 -34.87 17.45 10.82
C SER A 554 -33.56 18.00 11.42
N TRP A 555 -32.83 17.21 12.18
CA TRP A 555 -31.56 17.68 12.75
C TRP A 555 -30.58 18.28 11.70
N PRO A 556 -30.67 17.88 10.40
CA PRO A 556 -29.68 18.47 9.49
C PRO A 556 -29.91 19.97 9.30
N GLN A 557 -31.12 20.44 9.61
CA GLN A 557 -31.39 21.90 9.60
C GLN A 557 -30.48 22.67 10.54
N GLN A 558 -29.94 22.02 11.58
CA GLN A 558 -28.98 22.68 12.46
C GLN A 558 -27.59 22.98 11.86
N VAL A 559 -27.31 22.44 10.67
CA VAL A 559 -26.11 22.83 9.97
C VAL A 559 -26.24 24.29 9.53
N ASP A 560 -25.20 25.08 9.83
CA ASP A 560 -25.20 26.52 9.59
C ASP A 560 -23.89 26.89 8.91
N VAL A 561 -23.98 27.35 7.66
CA VAL A 561 -22.80 27.65 6.87
C VAL A 561 -22.67 29.18 6.66
N SER A 562 -23.44 29.95 7.42
CA SER A 562 -23.54 31.41 7.21
C SER A 562 -22.36 32.27 7.66
N ASP A 563 -21.42 31.72 8.42
CA ASP A 563 -20.19 32.44 8.77
C ASP A 563 -19.24 32.40 7.57
N ASN A 564 -19.62 31.62 6.54
CA ASN A 564 -18.84 31.54 5.30
C ASN A 564 -17.39 31.15 5.52
N GLN A 565 -17.19 30.21 6.44
CA GLN A 565 -15.88 29.62 6.62
C GLN A 565 -15.79 28.33 5.83
N ALA A 566 -14.76 28.20 5.01
CA ALA A 566 -14.56 27.03 4.15
C ALA A 566 -13.08 26.93 3.81
N ARG A 567 -12.69 25.77 3.29
CA ARG A 567 -11.41 25.64 2.59
C ARG A 567 -11.60 25.10 1.14
N CYS A 568 -10.84 25.63 0.18
CA CYS A 568 -10.91 25.13 -1.17
C CYS A 568 -9.60 24.46 -1.63
N GLY A 569 -9.71 23.47 -2.50
CA GLY A 569 -8.50 22.84 -3.02
C GLY A 569 -8.86 22.12 -4.29
N VAL A 570 -7.87 21.45 -4.87
CA VAL A 570 -8.04 20.92 -6.19
C VAL A 570 -7.51 19.49 -6.22
N ARG A 571 -8.39 18.56 -6.61
CA ARG A 571 -8.07 17.16 -6.60
C ARG A 571 -7.47 16.80 -7.96
N CYS A 572 -6.69 15.73 -7.99
CA CYS A 572 -6.24 15.19 -9.25
C CYS A 572 -7.00 13.89 -9.47
N ALA A 573 -7.98 13.88 -10.39
CA ALA A 573 -8.87 12.73 -10.61
C ALA A 573 -8.49 11.88 -11.82
N ILE A 574 -8.76 10.59 -11.75
CA ILE A 574 -8.48 9.71 -12.86
C ILE A 574 -9.77 8.96 -13.11
N ARG A 575 -10.12 8.78 -14.38
CA ARG A 575 -11.50 8.37 -14.73
C ARG A 575 -11.77 6.94 -14.31
N ASP A 576 -10.72 6.14 -14.13
CA ASP A 576 -10.86 4.80 -13.57
C ASP A 576 -10.73 4.75 -12.03
N HIS A 577 -10.62 5.92 -11.38
CA HIS A 577 -10.72 6.05 -9.92
C HIS A 577 -9.55 5.43 -9.14
N LEU A 578 -8.49 5.06 -9.85
CA LEU A 578 -7.29 4.53 -9.21
C LEU A 578 -6.15 5.50 -9.40
N PRO A 579 -5.32 5.65 -8.38
CA PRO A 579 -4.13 6.43 -8.40
C PRO A 579 -3.19 6.06 -9.55
N MSE A 580 -2.17 6.88 -9.72
CA MSE A 580 -1.15 6.63 -10.68
C MSE A 580 0.17 6.68 -9.94
O MSE A 580 0.47 7.67 -9.30
CB MSE A 580 -1.19 7.75 -11.67
CG MSE A 580 -0.48 7.48 -12.96
SE MSE A 580 -1.12 8.74 -14.35
CE MSE A 580 -2.54 7.65 -15.20
N VAL A 581 0.93 5.59 -10.00
CA VAL A 581 2.15 5.52 -9.27
C VAL A 581 3.16 4.69 -10.04
N GLY A 582 4.31 5.27 -10.34
CA GLY A 582 5.34 4.49 -10.98
C GLY A 582 6.28 5.41 -11.69
N ALA A 583 7.01 4.83 -12.66
CA ALA A 583 7.91 5.57 -13.54
C ALA A 583 7.08 6.42 -14.49
N VAL A 584 7.58 7.62 -14.79
CA VAL A 584 6.89 8.49 -15.75
C VAL A 584 7.15 7.98 -17.18
N PRO A 585 6.10 7.50 -17.87
CA PRO A 585 6.25 6.80 -19.14
C PRO A 585 6.54 7.76 -20.33
N ASP A 586 7.22 7.25 -21.35
CA ASP A 586 7.59 8.07 -22.54
C ASP A 586 6.57 7.81 -23.66
N TYR A 587 5.69 8.77 -23.90
CA TYR A 587 4.58 8.62 -24.87
C TYR A 587 5.04 8.26 -26.26
N ALA A 588 5.74 9.20 -26.91
CA ALA A 588 6.28 8.99 -28.24
C ALA A 588 6.86 7.56 -28.40
N ALA A 589 7.82 7.19 -27.55
CA ALA A 589 8.49 5.90 -27.68
C ALA A 589 7.56 4.70 -27.37
N THR A 590 6.52 4.97 -26.61
CA THR A 590 5.61 3.89 -26.25
C THR A 590 4.80 3.51 -27.46
N LEU A 591 4.24 4.53 -28.12
CA LEU A 591 3.47 4.34 -29.36
C LEU A 591 4.30 3.74 -30.50
N ALA A 592 5.55 4.18 -30.64
CA ALA A 592 6.44 3.67 -31.69
C ALA A 592 6.91 2.27 -31.39
N GLN A 593 7.11 2.00 -30.10
CA GLN A 593 7.65 0.73 -29.72
C GLN A 593 6.59 -0.38 -29.58
N TYR A 594 5.32 -0.02 -29.33
CA TYR A 594 4.25 -1.03 -29.18
C TYR A 594 3.17 -1.02 -30.29
N GLN A 595 3.50 -0.41 -31.42
CA GLN A 595 2.59 -0.45 -32.56
C GLN A 595 2.36 -1.93 -32.94
N ASP A 596 3.37 -2.74 -32.62
CA ASP A 596 3.49 -4.15 -33.00
C ASP A 596 3.02 -5.14 -31.92
N LEU A 597 2.63 -4.59 -30.75
CA LEU A 597 2.42 -5.35 -29.50
C LEU A 597 1.39 -6.45 -29.63
N SER A 598 0.21 -6.11 -30.16
CA SER A 598 -0.85 -7.10 -30.24
C SER A 598 -0.47 -8.34 -31.08
N ARG A 599 0.28 -8.13 -32.16
CA ARG A 599 0.69 -9.27 -32.96
C ARG A 599 1.62 -10.18 -32.16
N ARG A 600 2.51 -9.56 -31.40
CA ARG A 600 3.55 -10.26 -30.64
C ARG A 600 3.04 -11.25 -29.57
N ILE A 601 1.85 -10.99 -29.02
CA ILE A 601 1.34 -11.74 -27.87
C ILE A 601 0.34 -12.85 -28.23
N ASN A 610 6.96 -14.49 -27.67
CA ASN A 610 7.99 -13.56 -28.14
C ASN A 610 8.71 -12.90 -26.97
N ASP A 611 9.88 -12.31 -27.23
CA ASP A 611 10.60 -11.55 -26.19
C ASP A 611 10.70 -10.03 -26.44
N ILE A 612 9.80 -9.31 -25.78
CA ILE A 612 9.49 -7.92 -26.10
C ILE A 612 10.16 -6.97 -25.11
N ALA A 613 10.59 -5.80 -25.60
CA ALA A 613 11.27 -4.83 -24.74
C ALA A 613 10.37 -4.25 -23.63
N VAL A 614 10.97 -3.75 -22.56
CA VAL A 614 10.22 -3.19 -21.44
C VAL A 614 9.71 -1.78 -21.78
N ALA A 615 8.63 -1.40 -21.12
CA ALA A 615 7.98 -0.11 -21.35
C ALA A 615 9.00 1.04 -21.33
N PRO A 616 8.97 1.91 -22.37
CA PRO A 616 9.89 3.06 -22.43
C PRO A 616 9.46 4.11 -21.41
N VAL A 617 10.44 4.76 -20.77
CA VAL A 617 10.18 5.76 -19.74
C VAL A 617 11.19 6.90 -19.80
N TRP A 618 10.87 8.05 -19.22
CA TRP A 618 11.85 9.09 -18.93
C TRP A 618 12.83 8.57 -17.87
N PRO A 619 14.13 8.86 -18.05
CA PRO A 619 15.08 8.16 -17.16
C PRO A 619 15.10 8.79 -15.77
N GLU A 620 15.00 7.92 -14.75
CA GLU A 620 15.16 8.30 -13.33
C GLU A 620 14.08 9.23 -12.87
N LEU A 621 12.91 9.11 -13.45
CA LEU A 621 11.80 10.03 -13.19
C LEU A 621 10.58 9.21 -12.85
N PHE A 622 9.97 9.54 -11.70
CA PHE A 622 8.92 8.74 -11.11
C PHE A 622 7.85 9.64 -10.58
N MSE A 623 6.70 9.07 -10.27
CA MSE A 623 5.57 9.91 -9.93
C MSE A 623 4.62 9.17 -9.04
O MSE A 623 4.48 7.95 -9.13
CB MSE A 623 4.84 10.40 -11.19
CG MSE A 623 4.12 9.27 -11.94
SE MSE A 623 3.05 9.89 -13.48
CE MSE A 623 1.69 10.96 -12.54
N VAL A 624 3.88 9.94 -8.25
CA VAL A 624 2.89 9.36 -7.40
C VAL A 624 1.81 10.39 -7.19
N GLY A 625 0.56 9.99 -7.45
CA GLY A 625 -0.55 10.93 -7.29
C GLY A 625 -1.81 10.47 -7.98
N GLY A 626 -2.70 11.40 -8.23
CA GLY A 626 -3.94 11.01 -8.90
C GLY A 626 -4.83 10.45 -7.83
N LEU A 627 -4.77 11.03 -6.63
CA LEU A 627 -5.47 10.49 -5.47
C LEU A 627 -6.95 10.87 -5.36
N GLY A 628 -7.44 11.76 -6.21
CA GLY A 628 -8.89 12.05 -6.22
C GLY A 628 -9.33 12.62 -4.88
N SER A 629 -10.37 12.00 -4.31
CA SER A 629 -10.92 12.35 -3.03
C SER A 629 -10.63 11.28 -1.96
N ARG A 630 -9.67 10.41 -2.20
CA ARG A 630 -9.50 9.25 -1.35
C ARG A 630 -8.06 9.06 -0.96
N GLY A 631 -7.26 10.11 -1.12
CA GLY A 631 -5.88 10.09 -0.71
C GLY A 631 -5.54 9.70 0.74
N LEU A 632 -6.39 10.03 1.71
CA LEU A 632 -6.09 9.59 3.10
C LEU A 632 -6.02 8.05 3.18
N CYS A 633 -6.84 7.40 2.36
CA CYS A 633 -6.89 5.95 2.26
C CYS A 633 -5.83 5.36 1.33
N SER A 634 -5.58 5.99 0.18
CA SER A 634 -4.71 5.41 -0.79
C SER A 634 -3.27 5.82 -0.69
N ALA A 635 -3.00 6.95 -0.02
CA ALA A 635 -1.64 7.51 -0.04
C ALA A 635 -0.55 6.59 0.53
N PRO A 636 -0.79 5.99 1.73
CA PRO A 636 0.29 5.21 2.38
C PRO A 636 0.72 4.00 1.55
N LEU A 637 -0.24 3.29 0.98
CA LEU A 637 0.14 2.15 0.14
C LEU A 637 0.86 2.54 -1.16
N VAL A 638 0.41 3.59 -1.85
CA VAL A 638 1.08 4.00 -3.10
C VAL A 638 2.53 4.48 -2.83
N ALA A 639 2.70 5.12 -1.69
CA ALA A 639 4.01 5.57 -1.25
C ALA A 639 4.91 4.38 -1.07
N GLU A 640 4.38 3.36 -0.41
CA GLU A 640 5.16 2.19 -0.11
C GLU A 640 5.43 1.41 -1.42
N ILE A 641 4.43 1.33 -2.30
CA ILE A 641 4.64 0.75 -3.64
C ILE A 641 5.75 1.52 -4.38
N LEU A 642 5.72 2.84 -4.32
CA LEU A 642 6.73 3.57 -5.09
C LEU A 642 8.14 3.37 -4.54
N ALA A 643 8.29 3.39 -3.21
CA ALA A 643 9.63 3.16 -2.63
C ALA A 643 10.16 1.77 -2.96
N ALA A 644 9.30 0.77 -2.84
CA ALA A 644 9.68 -0.61 -3.05
C ALA A 644 10.12 -0.81 -4.52
N GLN A 645 9.34 -0.25 -5.43
CA GLN A 645 9.67 -0.29 -6.86
C GLN A 645 11.01 0.38 -7.17
N MSE A 646 11.19 1.60 -6.69
CA MSE A 646 12.42 2.34 -6.98
C MSE A 646 13.67 1.60 -6.47
O MSE A 646 14.76 1.78 -7.00
CB MSE A 646 12.35 3.76 -6.44
CG MSE A 646 11.44 4.67 -7.23
SE MSE A 646 11.21 6.43 -6.33
CE MSE A 646 13.07 7.09 -6.50
N PHE A 647 13.48 0.75 -5.47
CA PHE A 647 14.57 -0.05 -4.89
C PHE A 647 14.63 -1.44 -5.52
N GLY A 648 13.77 -1.69 -6.49
CA GLY A 648 13.73 -3.00 -7.20
C GLY A 648 13.26 -4.18 -6.35
N GLU A 649 12.42 -3.90 -5.35
CA GLU A 649 12.00 -4.91 -4.41
C GLU A 649 10.69 -5.53 -4.86
N PRO A 650 10.30 -6.64 -4.22
CA PRO A 650 9.00 -7.27 -4.48
C PRO A 650 7.87 -6.39 -4.02
N LEU A 651 6.78 -6.35 -4.78
CA LEU A 651 5.71 -5.38 -4.51
C LEU A 651 4.52 -6.06 -3.89
N PRO A 652 3.71 -5.31 -3.13
CA PRO A 652 2.65 -5.89 -2.30
C PRO A 652 1.27 -6.03 -2.98
N LEU A 653 1.25 -6.27 -4.28
CA LEU A 653 -0.04 -6.50 -4.94
C LEU A 653 0.14 -7.45 -6.12
N ASP A 654 -0.96 -7.91 -6.69
CA ASP A 654 -0.90 -8.85 -7.83
C ASP A 654 -0.74 -8.08 -9.14
N ALA A 655 -0.51 -8.79 -10.25
CA ALA A 655 -0.19 -8.16 -11.54
C ALA A 655 -1.28 -7.22 -12.06
N LYS A 656 -2.54 -7.68 -12.11
CA LYS A 656 -3.58 -6.80 -12.61
C LYS A 656 -3.79 -5.57 -11.77
N THR A 657 -3.61 -5.69 -10.46
CA THR A 657 -3.84 -4.54 -9.58
C THR A 657 -2.70 -3.53 -9.73
N LEU A 658 -1.47 -4.00 -9.89
CA LEU A 658 -0.35 -3.10 -10.16
C LEU A 658 -0.41 -2.45 -11.55
N ALA A 659 -0.71 -3.25 -12.57
CA ALA A 659 -0.93 -2.73 -13.91
C ALA A 659 -2.01 -1.66 -13.88
N ALA A 660 -3.02 -1.83 -13.04
CA ALA A 660 -4.13 -0.85 -12.92
C ALA A 660 -3.75 0.46 -12.20
N LEU A 661 -2.55 0.49 -11.60
CA LEU A 661 -1.97 1.70 -10.99
C LEU A 661 -0.88 2.31 -11.84
N ASN A 662 -0.42 1.57 -12.84
CA ASN A 662 0.73 2.05 -13.62
C ASN A 662 0.38 3.32 -14.45
N PRO A 663 1.32 4.28 -14.51
CA PRO A 663 1.05 5.53 -15.20
C PRO A 663 0.74 5.38 -16.69
N ASN A 664 1.32 4.38 -17.33
CA ASN A 664 1.16 4.23 -18.76
C ASN A 664 -0.11 3.44 -19.17
N ARG A 665 -0.96 3.12 -18.20
CA ARG A 665 -1.94 2.07 -18.41
C ARG A 665 -3.00 2.33 -19.47
N PHE A 666 -3.37 3.60 -19.65
CA PHE A 666 -4.46 3.92 -20.56
C PHE A 666 -3.97 3.74 -21.98
N TRP A 667 -2.67 3.96 -22.19
CA TRP A 667 -2.06 3.76 -23.47
C TRP A 667 -1.92 2.24 -23.70
N ILE A 668 -1.27 1.56 -22.77
CA ILE A 668 -1.03 0.15 -22.90
C ILE A 668 -2.33 -0.59 -23.17
N ARG A 669 -3.41 -0.22 -22.49
CA ARG A 669 -4.74 -0.79 -22.78
C ARG A 669 -5.19 -0.74 -24.27
N LYS A 670 -5.03 0.41 -24.93
CA LYS A 670 -5.34 0.52 -26.36
C LYS A 670 -4.46 -0.44 -27.15
N LEU A 671 -3.15 -0.19 -27.08
CA LEU A 671 -2.16 -0.92 -27.89
C LEU A 671 -2.28 -2.43 -27.75
N LEU A 672 -2.82 -2.88 -26.62
CA LEU A 672 -2.90 -4.32 -26.29
C LEU A 672 -4.02 -5.00 -27.10
N LYS A 673 -4.84 -4.19 -27.76
CA LYS A 673 -5.90 -4.71 -28.59
C LYS A 673 -5.81 -4.22 -30.07
N GLY A 674 -4.90 -3.29 -30.34
CA GLY A 674 -4.73 -2.68 -31.68
C GLY A 674 -4.95 -1.16 -31.75
PA FAD B . -1.52 17.89 -2.68
O1A FAD B . -2.44 18.74 -3.52
O2A FAD B . -1.97 17.90 -1.22
O5B FAD B . -0.06 18.53 -2.73
C5B FAD B . 0.60 18.84 -3.94
C4B FAD B . 1.87 19.64 -3.54
O4B FAD B . 2.76 19.84 -4.63
C3B FAD B . 1.51 21.02 -3.00
O3B FAD B . 1.97 21.04 -1.66
C2B FAD B . 2.23 22.02 -3.92
O2B FAD B . 2.98 23.02 -3.28
C1B FAD B . 3.25 21.16 -4.63
N9A FAD B . 3.54 21.64 -5.99
C8A FAD B . 2.66 21.74 -7.04
N7A FAD B . 3.35 22.18 -8.13
C5A FAD B . 4.64 22.40 -7.77
C6A FAD B . 5.74 22.86 -8.47
N6A FAD B . 5.66 23.10 -9.79
N1A FAD B . 6.94 22.95 -7.81
C2A FAD B . 7.05 22.60 -6.48
N3A FAD B . 5.95 22.16 -5.78
C4A FAD B . 4.77 22.04 -6.43
N1 FAD B . -9.13 12.90 0.97
C2 FAD B . -9.64 11.87 1.71
O2 FAD B . -8.96 10.87 1.93
N3 FAD B . -10.87 11.97 2.28
C4 FAD B . -11.68 13.06 2.07
O4 FAD B . -12.80 13.09 2.63
C4X FAD B . -11.21 14.09 1.26
N5 FAD B . -11.97 15.22 0.98
C5X FAD B . -11.42 16.20 0.15
C6 FAD B . -12.19 17.31 -0.21
C7 FAD B . -11.65 18.33 -1.00
C7M FAD B . -12.51 19.52 -1.35
C8 FAD B . -10.35 18.21 -1.50
C8M FAD B . -9.75 19.27 -2.37
C9 FAD B . -9.59 17.09 -1.16
C9A FAD B . -10.12 16.10 -0.31
N10 FAD B . -9.37 14.99 -0.01
C10 FAD B . -9.92 14.00 0.74
C1' FAD B . -7.92 14.88 -0.42
C2' FAD B . -7.55 13.98 -1.58
O2' FAD B . -7.29 12.72 -1.00
C3' FAD B . -6.36 14.59 -2.33
O3' FAD B . -6.30 13.93 -3.58
C4' FAD B . -4.97 14.49 -1.70
O4' FAD B . -4.85 15.26 -0.54
C5' FAD B . -3.85 15.01 -2.62
O5' FAD B . -2.60 14.78 -2.01
P FAD B . -1.19 15.01 -2.81
O1P FAD B . -0.06 14.81 -1.85
O2P FAD B . -1.07 14.01 -3.93
O3P FAD B . -1.32 16.49 -3.43
CL CL C . -9.59 16.05 3.44
#